data_1CLQ
#
_entry.id   1CLQ
#
_cell.length_a   209.740
_cell.length_b   209.740
_cell.length_c   114.250
_cell.angle_alpha   90.00
_cell.angle_beta   90.00
_cell.angle_gamma   120.00
#
_symmetry.space_group_name_H-M   'H 3'
#
loop_
_entity.id
_entity.type
_entity.pdbx_description
1 polymer "DNA (5'-D(*GP*CP*GP*GP*AP*AP*CP*TP*AP*CP*T)-3')"
2 polymer "DNA (5'-D(*AP*GP*TP*AP*GP*TP*TP*CP*CP*GP*CP*G)-3')"
3 polymer 'PROTEIN (DNA POLYMERASE)'
4 non-polymer 'CALCIUM ION'
5 non-polymer "GUANOSINE-5'-DIPHOSPHATE"
6 water water
#
loop_
_entity_poly.entity_id
_entity_poly.type
_entity_poly.pdbx_seq_one_letter_code
_entity_poly.pdbx_strand_id
1 'polydeoxyribonucleotide' (DG)(DC)(DG)(DG)(DA)(DA)(DC)(DT)(DA)(DC)(DT) E
2 'polydeoxyribonucleotide' (DA)(DG)(DT)(DA)(DG)(DT)(DT)(DC)(DC)(DG)(DC)(DG) D
3 'polypeptide(L)'
;MKEFYLTVEQIGDSIFERYIDSNGRERTREVEYKPSLFAHCPESQATKYFDIYGKPCTRKLFANMRDASQWIKRMEDIGL
EALGMDDFKLAYLSDTYNYEIKYDHTKIRVANFDIEVTSPDGFPEPSQAKHPIDAITHYDSIDDRFYVFDLLNSPYGNVE
EWSIEIAAKLQEQGGDEVPSEIIDKIIYMPFDNEKELLMEYLNFWQQKTPVILTGWNVESFDIPYVYNRIKNIFGESTAK
RLSPHRKTRVKVIENMYGSREIITLFGISVLDYIDLYKKFSFTNQPSYSLDYISEFELNVGKLKYDGPISKLRESNHQRY
ISYNIIDVYRVLQIDAKRQFINLSLDMGYYAKIQIQSVFSPIKTWDAIIFNSLKEQNKVIPQGRSHPVQPYPGAFVKEPI
PNRYKYVMSFDLTSLYPSIIRQVNISPETIAGTFKVAPLHDYINAVAERPSDVYSCSPNGMMYYKDRDGVVPTEITKVFN
QRKEHKGYMLAAQRNGEIIKEALHNPNLSVDEPLDVDYRFDFSDEIKEKIKKLSAKSLNEMLFRAQRTEVAGMTAQINRK
LLINSLYGALGNVWFRYYDLRNATAITTFGQMALQWIERKVNEYLNEVCGTEGEAFVLYGDTDSIYVSADKIIDKVGESK
FRDTNHWVDFLDKFARERMEPAIDRGFREMCEYMNNKQHLMFMDREAIAGPPLGSKGIGGFWTGKKRYALNVWDMEGTRY
AEPKLKIMGLETQKSSTPKAVQKALKECIRRMLQEGEESLQEYFKEFEKEFRQLNYISIASVSSANNIAKYDVGGFPGPK
CPFHIRGILTYNRAIKGNIDAPQVVEGEKVYVLPLREGNPFGDKCIAWPSGTEITDLIKDDVLHWMDYTVLLEKTFIKPL
EGFTSAAKLDYEKKASLFDMFDF
;
A
#
# COMPACT_ATOMS: atom_id res chain seq x y z
N MET C 1 24.55 -19.70 13.11
CA MET C 1 25.37 -18.69 12.38
C MET C 1 25.45 -17.43 13.24
N LYS C 2 25.50 -16.27 12.59
CA LYS C 2 25.55 -15.01 13.32
C LYS C 2 24.16 -14.81 13.93
N GLU C 3 24.12 -14.33 15.17
CA GLU C 3 22.85 -14.15 15.80
C GLU C 3 22.16 -12.86 15.40
N PHE C 4 20.84 -12.85 15.48
CA PHE C 4 20.06 -11.67 15.13
C PHE C 4 18.99 -11.49 16.17
N TYR C 5 18.48 -10.27 16.26
CA TYR C 5 17.45 -9.96 17.23
C TYR C 5 16.04 -10.22 16.74
N LEU C 6 15.13 -10.44 17.67
CA LEU C 6 13.73 -10.61 17.34
C LEU C 6 13.02 -9.32 17.73
N THR C 7 13.20 -8.87 18.97
CA THR C 7 12.60 -7.61 19.46
C THR C 7 13.53 -6.84 20.41
N VAL C 8 13.43 -5.51 20.38
CA VAL C 8 14.23 -4.63 21.25
C VAL C 8 13.26 -3.72 21.98
N GLU C 9 13.47 -3.49 23.27
CA GLU C 9 12.54 -2.66 24.02
C GLU C 9 13.22 -1.90 25.16
N GLN C 10 12.82 -0.67 25.41
CA GLN C 10 13.39 0.09 26.52
C GLN C 10 12.41 0.16 27.65
N ILE C 11 12.71 -0.53 28.75
CA ILE C 11 11.84 -0.53 29.89
C ILE C 11 12.57 0.13 31.05
N GLY C 12 12.57 1.45 31.04
CA GLY C 12 13.22 2.17 32.10
C GLY C 12 14.71 2.33 31.94
N ASP C 13 15.50 1.60 32.73
CA ASP C 13 16.95 1.74 32.65
C ASP C 13 17.63 0.57 31.99
N SER C 14 16.85 -0.46 31.69
CA SER C 14 17.42 -1.61 31.03
C SER C 14 16.76 -1.86 29.67
N ILE C 15 17.53 -2.48 28.79
CA ILE C 15 17.05 -2.84 27.45
C ILE C 15 16.65 -4.31 27.53
N PHE C 16 15.46 -4.64 27.06
CA PHE C 16 14.98 -6.01 27.04
C PHE C 16 15.00 -6.50 25.59
N GLU C 17 15.91 -7.42 25.25
CA GLU C 17 15.93 -7.91 23.87
C GLU C 17 15.74 -9.40 23.72
N ARG C 18 14.93 -9.78 22.72
CA ARG C 18 14.69 -11.17 22.38
C ARG C 18 15.50 -11.40 21.09
N TYR C 19 16.30 -12.47 21.07
CA TYR C 19 17.12 -12.75 19.91
C TYR C 19 17.30 -14.24 19.63
N ILE C 20 17.91 -14.52 18.49
CA ILE C 20 18.21 -15.87 18.08
C ILE C 20 19.72 -16.09 18.29
N ASP C 21 20.01 -17.11 19.08
CA ASP C 21 21.36 -17.54 19.47
C ASP C 21 22.20 -18.01 18.27
N SER C 22 23.52 -18.00 18.42
CA SER C 22 24.43 -18.47 17.36
C SER C 22 24.23 -19.95 17.04
N ASN C 23 23.50 -20.66 17.91
CA ASN C 23 23.22 -22.07 17.69
C ASN C 23 21.76 -22.24 17.30
N GLY C 24 21.14 -21.11 16.93
CA GLY C 24 19.76 -21.09 16.49
C GLY C 24 18.63 -21.08 17.51
N ARG C 25 18.94 -21.06 18.80
CA ARG C 25 17.91 -21.07 19.84
C ARG C 25 17.39 -19.66 20.17
N GLU C 26 16.12 -19.56 20.52
CA GLU C 26 15.50 -18.28 20.86
C GLU C 26 15.87 -17.95 22.30
N ARG C 27 16.38 -16.74 22.53
CA ARG C 27 16.81 -16.33 23.88
C ARG C 27 16.31 -14.94 24.25
N THR C 28 16.27 -14.64 25.55
CA THR C 28 15.87 -13.32 26.03
C THR C 28 17.05 -12.72 26.78
N ARG C 29 17.02 -11.41 26.99
CA ARG C 29 18.14 -10.76 27.64
C ARG C 29 17.70 -9.43 28.25
N GLU C 30 18.38 -9.01 29.32
CA GLU C 30 18.12 -7.73 30.01
C GLU C 30 19.48 -7.04 30.14
N VAL C 31 19.57 -5.78 29.74
CA VAL C 31 20.85 -5.09 29.81
C VAL C 31 20.72 -3.66 30.27
N GLU C 32 21.32 -3.33 31.41
CA GLU C 32 21.27 -1.96 31.92
C GLU C 32 22.20 -1.12 31.04
N TYR C 33 21.81 -0.97 29.77
CA TYR C 33 22.56 -0.23 28.75
C TYR C 33 23.03 1.17 29.18
N LYS C 34 24.29 1.47 28.90
CA LYS C 34 24.88 2.76 29.27
C LYS C 34 25.19 3.55 28.01
N PRO C 35 24.30 4.48 27.65
CA PRO C 35 24.35 5.36 26.48
C PRO C 35 25.38 6.47 26.54
N SER C 36 25.61 7.08 25.39
CA SER C 36 26.54 8.18 25.20
C SER C 36 25.86 9.25 24.39
N LEU C 37 26.20 10.51 24.65
CA LEU C 37 25.65 11.62 23.89
C LEU C 37 26.82 12.55 23.64
N PHE C 38 26.60 13.63 22.91
CA PHE C 38 27.72 14.50 22.59
C PHE C 38 27.45 15.95 22.80
N ALA C 39 28.52 16.72 22.86
CA ALA C 39 28.42 18.15 23.05
C ALA C 39 29.56 18.79 22.29
N HIS C 40 29.30 19.98 21.75
CA HIS C 40 30.34 20.71 21.03
C HIS C 40 31.39 21.06 22.05
N CYS C 41 32.63 21.22 21.59
CA CYS C 41 33.76 21.62 22.42
C CYS C 41 34.68 22.49 21.57
N PRO C 42 35.67 23.17 22.19
CA PRO C 42 36.56 24.02 21.40
C PRO C 42 37.50 23.26 20.47
N GLU C 43 38.00 23.94 19.44
CA GLU C 43 38.90 23.35 18.45
C GLU C 43 40.26 22.90 19.00
N SER C 44 40.36 22.76 20.32
CA SER C 44 41.61 22.34 20.96
C SER C 44 41.37 21.10 21.79
N GLN C 45 40.09 20.77 21.99
CA GLN C 45 39.73 19.61 22.78
C GLN C 45 39.26 18.54 21.84
N ALA C 46 39.33 18.87 20.55
CA ALA C 46 38.89 17.99 19.47
C ALA C 46 39.62 16.66 19.51
N THR C 47 38.91 15.61 19.16
CA THR C 47 39.47 14.27 19.14
C THR C 47 39.19 13.64 17.78
N LYS C 48 38.26 12.69 17.75
CA LYS C 48 37.92 12.00 16.51
C LYS C 48 36.45 12.18 16.13
N TYR C 49 35.68 12.71 17.05
CA TYR C 49 34.27 12.94 16.83
C TYR C 49 33.94 14.31 16.23
N PHE C 50 33.16 14.30 15.15
CA PHE C 50 32.73 15.52 14.49
C PHE C 50 31.27 15.43 14.06
N ASP C 51 30.59 16.58 13.98
CA ASP C 51 29.20 16.56 13.53
C ASP C 51 29.24 16.65 12.01
N ILE C 52 28.08 16.69 11.36
CA ILE C 52 28.06 16.75 9.89
C ILE C 52 28.56 18.10 9.36
N TYR C 53 28.67 19.08 10.25
CA TYR C 53 29.12 20.42 9.89
C TYR C 53 30.61 20.53 10.06
N GLY C 54 31.24 19.51 10.64
CA GLY C 54 32.68 19.53 10.84
C GLY C 54 33.20 19.96 12.21
N LYS C 55 32.33 20.60 12.98
CA LYS C 55 32.70 21.04 14.31
C LYS C 55 32.88 19.87 15.26
N PRO C 56 34.00 19.86 16.01
CA PRO C 56 34.35 18.81 16.98
C PRO C 56 33.40 18.66 18.16
N CYS C 57 33.38 17.46 18.73
CA CYS C 57 32.53 17.14 19.87
C CYS C 57 33.26 16.20 20.82
N THR C 58 32.83 16.18 22.09
CA THR C 58 33.40 15.23 23.05
C THR C 58 32.28 14.30 23.52
N ARG C 59 32.64 13.03 23.74
CA ARG C 59 31.70 12.01 24.17
C ARG C 59 31.37 12.13 25.66
N LYS C 60 30.19 11.66 26.04
CA LYS C 60 29.71 11.69 27.42
C LYS C 60 29.00 10.36 27.68
N LEU C 61 29.62 9.51 28.48
CA LEU C 61 29.04 8.20 28.78
C LEU C 61 28.30 8.26 30.13
N PHE C 62 27.01 7.98 30.10
CA PHE C 62 26.18 8.02 31.30
C PHE C 62 26.08 6.66 31.97
N ALA C 63 25.79 6.68 33.27
CA ALA C 63 25.65 5.48 34.07
C ALA C 63 24.43 4.67 33.67
N ASN C 64 23.35 5.36 33.36
CA ASN C 64 22.10 4.71 32.96
C ASN C 64 21.36 5.62 32.00
N MET C 65 20.27 5.13 31.43
CA MET C 65 19.50 5.91 30.47
C MET C 65 18.71 7.05 31.10
N ARG C 66 18.28 6.88 32.34
CA ARG C 66 17.54 7.95 32.99
C ARG C 66 18.45 9.18 33.11
N ASP C 67 19.71 8.96 33.47
CA ASP C 67 20.63 10.08 33.60
C ASP C 67 20.77 10.78 32.26
N ALA C 68 21.03 9.99 31.22
CA ALA C 68 21.21 10.49 29.87
C ALA C 68 20.05 11.38 29.43
N SER C 69 18.83 10.93 29.68
CA SER C 69 17.68 11.74 29.32
C SER C 69 17.73 13.01 30.15
N GLN C 70 17.82 12.84 31.47
CA GLN C 70 17.88 13.95 32.41
C GLN C 70 18.90 15.01 31.97
N TRP C 71 20.02 14.55 31.40
CA TRP C 71 21.09 15.44 30.95
C TRP C 71 20.73 16.24 29.69
N ILE C 72 19.77 15.72 28.93
CA ILE C 72 19.33 16.37 27.72
C ILE C 72 18.43 17.52 28.09
N LYS C 73 17.51 17.25 29.01
CA LYS C 73 16.58 18.27 29.47
C LYS C 73 17.42 19.39 30.05
N ARG C 74 18.36 19.02 30.91
CA ARG C 74 19.23 19.99 31.53
C ARG C 74 20.01 20.80 30.50
N MET C 75 20.55 20.11 29.48
CA MET C 75 21.32 20.76 28.43
C MET C 75 20.49 21.75 27.65
N GLU C 76 19.18 21.54 27.67
CA GLU C 76 18.23 22.39 26.99
C GLU C 76 18.19 23.79 27.58
N ASP C 77 18.01 23.89 28.90
CA ASP C 77 17.97 25.19 29.57
C ASP C 77 19.23 25.98 29.24
N ILE C 78 20.38 25.43 29.58
CA ILE C 78 21.64 26.10 29.28
C ILE C 78 21.61 26.70 27.86
N GLY C 79 20.91 26.04 26.93
CA GLY C 79 20.82 26.53 25.56
C GLY C 79 21.88 25.94 24.64
N LEU C 80 22.44 24.80 25.03
CA LEU C 80 23.46 24.11 24.25
C LEU C 80 22.92 22.83 23.59
N GLU C 81 23.32 22.60 22.34
CA GLU C 81 22.90 21.42 21.59
C GLU C 81 23.30 20.07 22.20
N ALA C 82 22.41 19.10 22.13
CA ALA C 82 22.68 17.77 22.64
C ALA C 82 22.71 16.82 21.46
N LEU C 83 23.87 16.71 20.84
CA LEU C 83 24.03 15.83 19.69
C LEU C 83 23.98 14.38 20.09
N GLY C 84 23.66 13.52 19.13
CA GLY C 84 23.61 12.10 19.38
C GLY C 84 22.24 11.47 19.29
N MET C 85 22.25 10.15 19.08
CA MET C 85 21.04 9.36 18.97
C MET C 85 20.33 9.30 20.31
N ASP C 86 19.17 9.95 20.39
CA ASP C 86 18.36 10.00 21.63
C ASP C 86 17.43 8.82 21.83
N ASP C 87 17.19 8.06 20.77
CA ASP C 87 16.36 6.85 20.90
C ASP C 87 17.40 5.77 21.21
N PHE C 88 17.53 5.44 22.49
CA PHE C 88 18.53 4.49 22.95
C PHE C 88 18.37 3.05 22.50
N LYS C 89 17.21 2.68 21.96
CA LYS C 89 17.03 1.31 21.48
C LYS C 89 17.84 1.10 20.21
N LEU C 90 17.87 2.13 19.35
CA LEU C 90 18.56 2.07 18.08
C LEU C 90 20.07 2.15 18.27
N ALA C 91 20.50 2.78 19.35
CA ALA C 91 21.92 2.92 19.60
C ALA C 91 22.42 1.59 20.13
N TYR C 92 21.57 0.93 20.91
CA TYR C 92 21.96 -0.34 21.44
C TYR C 92 22.00 -1.39 20.34
N LEU C 93 21.15 -1.27 19.32
CA LEU C 93 21.14 -2.24 18.22
C LEU C 93 22.35 -2.02 17.33
N SER C 94 22.72 -0.76 17.17
CA SER C 94 23.84 -0.38 16.36
C SER C 94 25.15 -0.87 17.02
N ASP C 95 25.14 -1.00 18.34
CA ASP C 95 26.34 -1.43 19.05
C ASP C 95 26.46 -2.94 19.16
N THR C 96 25.33 -3.61 19.32
CA THR C 96 25.28 -5.05 19.47
C THR C 96 25.34 -5.84 18.18
N TYR C 97 24.94 -5.24 17.07
CA TYR C 97 24.97 -5.91 15.79
C TYR C 97 25.68 -5.01 14.83
N ASN C 98 26.98 -4.85 15.02
CA ASN C 98 27.79 -4.00 14.14
C ASN C 98 28.29 -4.81 12.96
N TYR C 99 27.35 -5.11 12.06
CA TYR C 99 27.61 -5.87 10.85
C TYR C 99 26.31 -6.10 10.12
N GLU C 100 26.37 -6.34 8.81
CA GLU C 100 25.15 -6.60 8.05
C GLU C 100 24.44 -7.76 8.71
N ILE C 101 23.15 -7.59 8.97
CA ILE C 101 22.42 -8.65 9.61
C ILE C 101 21.94 -9.64 8.57
N LYS C 102 22.19 -10.91 8.86
CA LYS C 102 21.76 -11.97 8.00
C LYS C 102 20.79 -12.75 8.86
N TYR C 103 19.51 -12.68 8.55
CA TYR C 103 18.53 -13.40 9.37
C TYR C 103 18.00 -14.64 8.71
N ASP C 104 17.32 -15.47 9.49
CA ASP C 104 16.74 -16.71 9.01
C ASP C 104 15.28 -16.79 9.46
N HIS C 105 14.40 -16.21 8.65
CA HIS C 105 12.97 -16.17 8.94
C HIS C 105 12.41 -17.50 9.44
N THR C 106 13.04 -18.62 9.11
CA THR C 106 12.53 -19.90 9.56
C THR C 106 12.67 -20.10 11.07
N LYS C 107 13.31 -19.16 11.75
CA LYS C 107 13.48 -19.31 13.19
C LYS C 107 12.67 -18.23 13.92
N ILE C 108 12.01 -17.37 13.14
CA ILE C 108 11.18 -16.27 13.63
C ILE C 108 9.71 -16.70 13.77
N ARG C 109 9.17 -16.62 14.98
CA ARG C 109 7.78 -17.03 15.15
C ARG C 109 6.73 -15.99 14.72
N VAL C 110 6.04 -16.28 13.63
CA VAL C 110 5.00 -15.37 13.14
C VAL C 110 3.64 -15.97 13.43
N ALA C 111 2.84 -15.25 14.20
CA ALA C 111 1.49 -15.69 14.57
C ALA C 111 0.41 -14.96 13.78
N ASN C 112 -0.63 -15.71 13.43
CA ASN C 112 -1.75 -15.20 12.68
C ASN C 112 -3.03 -15.65 13.38
N PHE C 113 -3.84 -14.72 13.87
CA PHE C 113 -5.06 -15.14 14.55
C PHE C 113 -6.33 -14.30 14.31
N ASP C 114 -7.49 -14.93 14.50
CA ASP C 114 -8.78 -14.28 14.37
C ASP C 114 -9.73 -14.83 15.43
N ILE C 115 -10.59 -13.97 15.99
CA ILE C 115 -11.55 -14.42 17.00
C ILE C 115 -12.98 -14.17 16.52
N GLU C 116 -13.92 -14.84 17.18
CA GLU C 116 -15.34 -14.75 16.89
C GLU C 116 -16.07 -14.43 18.19
N VAL C 117 -16.97 -13.44 18.15
CA VAL C 117 -17.69 -13.04 19.35
C VAL C 117 -19.15 -12.67 19.09
N THR C 118 -20.03 -13.64 19.31
CA THR C 118 -21.47 -13.50 19.14
C THR C 118 -22.08 -12.29 19.84
N SER C 119 -22.79 -11.45 19.10
CA SER C 119 -23.42 -10.27 19.70
C SER C 119 -24.85 -10.01 19.28
N PRO C 120 -25.79 -10.04 20.25
CA PRO C 120 -27.23 -9.81 20.07
C PRO C 120 -27.45 -8.33 19.74
N ASP C 121 -26.85 -7.47 20.54
CA ASP C 121 -26.96 -6.04 20.34
C ASP C 121 -26.06 -5.66 19.17
N GLY C 122 -25.44 -4.49 19.24
CA GLY C 122 -24.58 -4.07 18.15
C GLY C 122 -23.20 -4.69 18.09
N PHE C 123 -22.43 -4.25 17.10
CA PHE C 123 -21.06 -4.71 16.91
C PHE C 123 -20.34 -4.57 18.25
N PRO C 124 -19.70 -5.66 18.71
CA PRO C 124 -18.98 -5.65 19.99
C PRO C 124 -17.81 -4.66 20.05
N GLU C 125 -17.89 -3.70 20.95
CA GLU C 125 -16.82 -2.72 21.13
C GLU C 125 -15.68 -3.38 21.90
N PRO C 126 -14.46 -3.33 21.34
CA PRO C 126 -13.31 -3.94 22.01
C PRO C 126 -12.98 -3.32 23.35
N SER C 127 -13.03 -2.00 23.44
CA SER C 127 -12.69 -1.31 24.68
C SER C 127 -13.59 -1.68 25.86
N GLN C 128 -14.59 -2.52 25.60
CA GLN C 128 -15.54 -2.93 26.63
C GLN C 128 -15.55 -4.44 26.83
N ALA C 129 -15.50 -5.19 25.74
CA ALA C 129 -15.48 -6.64 25.79
C ALA C 129 -16.57 -7.21 26.69
N LYS C 130 -17.81 -6.80 26.43
CA LYS C 130 -18.97 -7.25 27.19
C LYS C 130 -19.45 -8.65 26.76
N HIS C 131 -19.15 -9.02 25.53
CA HIS C 131 -19.57 -10.30 24.99
C HIS C 131 -18.45 -11.34 24.98
N PRO C 132 -18.77 -12.60 25.30
CA PRO C 132 -17.81 -13.71 25.34
C PRO C 132 -17.18 -14.09 24.00
N ILE C 133 -15.97 -14.65 24.07
CA ILE C 133 -15.26 -15.11 22.89
C ILE C 133 -15.58 -16.59 22.76
N ASP C 134 -16.28 -16.99 21.70
CA ASP C 134 -16.63 -18.39 21.54
C ASP C 134 -15.78 -19.11 20.54
N ALA C 135 -14.80 -18.43 19.97
CA ALA C 135 -13.93 -19.08 19.03
C ALA C 135 -12.66 -18.28 18.87
N ILE C 136 -11.60 -18.96 18.49
CA ILE C 136 -10.33 -18.31 18.33
C ILE C 136 -9.35 -19.30 17.70
N THR C 137 -8.91 -18.97 16.49
CA THR C 137 -7.99 -19.82 15.80
C THR C 137 -6.67 -19.09 15.72
N HIS C 138 -5.60 -19.80 16.09
CA HIS C 138 -4.25 -19.27 16.16
C HIS C 138 -3.32 -20.12 15.30
N TYR C 139 -2.76 -19.55 14.24
CA TYR C 139 -1.82 -20.28 13.39
C TYR C 139 -0.39 -19.89 13.71
N ASP C 140 0.43 -20.89 14.07
CA ASP C 140 1.83 -20.70 14.42
C ASP C 140 2.72 -21.18 13.29
N SER C 141 3.54 -20.28 12.78
CA SER C 141 4.42 -20.61 11.68
C SER C 141 5.51 -21.61 12.04
N ILE C 142 6.04 -21.52 13.25
CA ILE C 142 7.08 -22.45 13.64
C ILE C 142 6.54 -23.88 13.56
N ASP C 143 5.38 -24.12 14.16
CA ASP C 143 4.78 -25.46 14.14
C ASP C 143 3.98 -25.83 12.89
N ASP C 144 3.55 -24.81 12.13
CA ASP C 144 2.75 -25.00 10.93
C ASP C 144 1.48 -25.75 11.33
N ARG C 145 0.73 -25.17 12.25
CA ARG C 145 -0.50 -25.76 12.74
C ARG C 145 -1.57 -24.69 12.95
N PHE C 146 -2.82 -25.11 12.93
CA PHE C 146 -3.93 -24.19 13.16
C PHE C 146 -4.54 -24.61 14.50
N TYR C 147 -4.27 -23.84 15.54
CA TYR C 147 -4.79 -24.18 16.86
C TYR C 147 -6.15 -23.54 17.06
N VAL C 148 -7.20 -24.36 17.07
CA VAL C 148 -8.56 -23.87 17.25
C VAL C 148 -9.12 -24.01 18.66
N PHE C 149 -9.46 -22.89 19.28
CA PHE C 149 -10.01 -22.91 20.63
C PHE C 149 -11.50 -22.62 20.53
N ASP C 150 -12.28 -23.70 20.44
CA ASP C 150 -13.73 -23.64 20.32
C ASP C 150 -14.49 -23.76 21.65
N LEU C 151 -15.22 -22.70 22.00
CA LEU C 151 -16.01 -22.66 23.23
C LEU C 151 -17.26 -23.53 23.05
N LEU C 152 -17.94 -23.88 24.15
CA LEU C 152 -19.12 -24.76 24.03
C LEU C 152 -20.30 -24.56 24.95
N ASN C 153 -20.23 -23.64 25.91
CA ASN C 153 -21.35 -23.45 26.81
C ASN C 153 -21.49 -22.02 27.26
N SER C 154 -21.86 -21.18 26.31
CA SER C 154 -22.02 -19.75 26.50
C SER C 154 -23.39 -19.32 27.02
N PRO C 155 -23.51 -18.05 27.44
CA PRO C 155 -24.77 -17.50 27.95
C PRO C 155 -25.67 -17.23 26.76
N TYR C 156 -25.15 -17.51 25.57
CA TYR C 156 -25.89 -17.34 24.33
C TYR C 156 -26.12 -18.69 23.65
N GLY C 157 -26.18 -19.75 24.44
CA GLY C 157 -26.41 -21.07 23.86
C GLY C 157 -25.28 -22.05 24.09
N ASN C 158 -25.59 -23.34 23.96
CA ASN C 158 -24.64 -24.42 24.15
C ASN C 158 -24.74 -25.28 22.90
N VAL C 159 -23.61 -25.81 22.43
CA VAL C 159 -23.63 -26.61 21.21
C VAL C 159 -22.71 -27.82 21.13
N GLU C 160 -22.78 -28.48 19.97
CA GLU C 160 -21.98 -29.67 19.69
C GLU C 160 -20.61 -29.31 19.15
N GLU C 161 -19.62 -30.15 19.47
CA GLU C 161 -18.27 -29.92 19.00
C GLU C 161 -18.21 -29.85 17.48
N TRP C 162 -17.10 -29.31 16.99
CA TRP C 162 -16.85 -29.17 15.57
C TRP C 162 -16.41 -30.53 15.06
N SER C 163 -16.73 -30.83 13.80
CA SER C 163 -16.35 -32.10 13.21
C SER C 163 -15.50 -31.89 11.96
N ILE C 164 -14.25 -32.31 12.03
CA ILE C 164 -13.33 -32.16 10.91
C ILE C 164 -13.63 -33.08 9.72
N GLU C 165 -14.20 -34.25 9.99
CA GLU C 165 -14.53 -35.19 8.93
C GLU C 165 -15.49 -34.49 7.96
N ILE C 166 -16.54 -33.86 8.50
CA ILE C 166 -17.50 -33.14 7.67
C ILE C 166 -16.79 -32.04 6.89
N ALA C 167 -16.38 -31.02 7.64
CA ALA C 167 -15.66 -29.85 7.15
C ALA C 167 -15.01 -29.90 5.77
N ALA C 168 -14.41 -31.02 5.39
CA ALA C 168 -13.73 -31.12 4.10
C ALA C 168 -14.58 -31.55 2.90
N LYS C 169 -15.86 -31.82 3.13
CA LYS C 169 -16.73 -32.26 2.03
C LYS C 169 -17.36 -31.09 1.26
N LEU C 170 -17.90 -31.38 0.09
CA LEU C 170 -18.54 -30.35 -0.73
C LEU C 170 -19.71 -29.78 0.06
N GLN C 171 -19.92 -28.46 -0.07
CA GLN C 171 -21.03 -27.81 0.63
C GLN C 171 -22.32 -28.46 0.17
N GLU C 172 -22.38 -28.80 -1.12
CA GLU C 172 -23.55 -29.46 -1.70
C GLU C 172 -23.80 -30.81 -1.05
N GLN C 173 -23.36 -30.96 0.19
CA GLN C 173 -23.54 -32.19 0.95
C GLN C 173 -23.60 -31.90 2.44
N GLY C 174 -23.25 -30.69 2.81
CA GLY C 174 -23.26 -30.31 4.21
C GLY C 174 -21.86 -29.92 4.66
N GLY C 175 -20.87 -30.27 3.85
CA GLY C 175 -19.50 -29.96 4.16
C GLY C 175 -19.29 -28.46 4.16
N ASP C 176 -18.08 -28.02 4.52
CA ASP C 176 -17.77 -26.60 4.57
C ASP C 176 -16.67 -26.23 3.59
N GLU C 177 -16.28 -27.18 2.76
CA GLU C 177 -15.24 -26.97 1.77
C GLU C 177 -13.91 -26.46 2.33
N VAL C 178 -13.52 -26.96 3.51
CA VAL C 178 -12.26 -26.56 4.11
C VAL C 178 -11.14 -27.22 3.31
N PRO C 179 -10.25 -26.41 2.70
CA PRO C 179 -9.14 -26.94 1.88
C PRO C 179 -8.56 -28.25 2.39
N SER C 180 -8.11 -29.09 1.45
CA SER C 180 -7.55 -30.39 1.79
C SER C 180 -6.20 -30.28 2.52
N GLU C 181 -5.25 -29.63 1.87
CA GLU C 181 -3.91 -29.45 2.41
C GLU C 181 -3.87 -28.66 3.71
N ILE C 182 -4.99 -28.59 4.41
CA ILE C 182 -5.05 -27.84 5.66
C ILE C 182 -5.66 -28.72 6.76
N ILE C 183 -6.46 -29.69 6.31
CA ILE C 183 -7.17 -30.60 7.20
C ILE C 183 -6.31 -31.35 8.20
N ASP C 184 -5.10 -31.73 7.79
CA ASP C 184 -4.19 -32.46 8.68
C ASP C 184 -3.28 -31.57 9.53
N LYS C 185 -3.39 -30.26 9.33
CA LYS C 185 -2.59 -29.31 10.10
C LYS C 185 -3.43 -28.63 11.17
N ILE C 186 -4.53 -29.26 11.54
CA ILE C 186 -5.40 -28.68 12.55
C ILE C 186 -5.36 -29.41 13.89
N ILE C 187 -5.40 -28.64 14.96
CA ILE C 187 -5.40 -29.14 16.34
C ILE C 187 -6.63 -28.50 16.97
N TYR C 188 -7.70 -29.28 17.08
CA TYR C 188 -8.97 -28.80 17.64
C TYR C 188 -9.08 -29.02 19.14
N MET C 189 -9.30 -27.93 19.87
CA MET C 189 -9.43 -27.97 21.32
C MET C 189 -10.77 -27.35 21.73
N PRO C 190 -11.73 -28.19 22.17
CA PRO C 190 -13.09 -27.78 22.61
C PRO C 190 -13.14 -27.52 24.11
N PHE C 191 -13.83 -26.46 24.52
CA PHE C 191 -13.90 -26.13 25.94
C PHE C 191 -15.33 -26.04 26.47
N ASP C 192 -15.49 -26.19 27.79
CA ASP C 192 -16.79 -26.16 28.46
C ASP C 192 -17.11 -24.84 29.16
N ASN C 193 -16.14 -23.94 29.21
CA ASN C 193 -16.30 -22.66 29.88
C ASN C 193 -15.33 -21.66 29.27
N GLU C 194 -15.70 -20.37 29.24
CA GLU C 194 -14.83 -19.33 28.69
C GLU C 194 -13.58 -19.11 29.54
N LYS C 195 -13.76 -18.81 30.83
CA LYS C 195 -12.64 -18.59 31.75
C LYS C 195 -11.62 -19.71 31.58
N GLU C 196 -12.12 -20.94 31.46
CA GLU C 196 -11.27 -22.10 31.22
C GLU C 196 -10.54 -21.79 29.92
N LEU C 197 -11.26 -21.89 28.81
CA LEU C 197 -10.76 -21.60 27.47
C LEU C 197 -9.72 -20.48 27.42
N LEU C 198 -10.04 -19.33 28.05
CA LEU C 198 -9.13 -18.19 28.09
C LEU C 198 -7.80 -18.48 28.77
N MET C 199 -7.84 -19.12 29.94
CA MET C 199 -6.62 -19.44 30.64
C MET C 199 -5.74 -20.32 29.79
N GLU C 200 -6.32 -21.35 29.18
CA GLU C 200 -5.54 -22.23 28.31
C GLU C 200 -4.89 -21.39 27.21
N TYR C 201 -5.62 -20.44 26.66
CA TYR C 201 -5.09 -19.60 25.59
C TYR C 201 -3.87 -18.80 26.00
N LEU C 202 -3.71 -18.55 27.29
CA LEU C 202 -2.56 -17.82 27.77
C LEU C 202 -1.35 -18.76 27.98
N ASN C 203 -1.61 -19.96 28.50
CA ASN C 203 -0.53 -20.94 28.71
C ASN C 203 0.08 -21.21 27.35
N PHE C 204 -0.79 -21.26 26.35
CA PHE C 204 -0.38 -21.49 24.98
C PHE C 204 0.52 -20.33 24.53
N TRP C 205 0.05 -19.11 24.77
CA TRP C 205 0.75 -17.89 24.38
C TRP C 205 2.11 -17.67 25.04
N GLN C 206 2.28 -18.18 26.26
CA GLN C 206 3.56 -18.04 26.96
C GLN C 206 4.51 -19.12 26.47
N GLN C 207 3.95 -20.28 26.16
CA GLN C 207 4.71 -21.42 25.68
C GLN C 207 5.10 -21.28 24.19
N LYS C 208 4.51 -20.30 23.53
CA LYS C 208 4.76 -20.03 22.12
C LYS C 208 4.50 -18.54 21.87
N THR C 209 5.29 -17.70 22.51
CA THR C 209 5.10 -16.27 22.36
C THR C 209 5.48 -15.76 20.96
N PRO C 210 4.50 -15.17 20.25
CA PRO C 210 4.72 -14.65 18.90
C PRO C 210 5.84 -13.61 18.93
N VAL C 211 6.49 -13.42 17.79
CA VAL C 211 7.53 -12.40 17.67
C VAL C 211 6.88 -11.36 16.80
N ILE C 212 6.13 -11.82 15.83
CA ILE C 212 5.38 -10.95 14.95
C ILE C 212 3.96 -11.47 14.98
N LEU C 213 3.01 -10.55 15.10
CA LEU C 213 1.60 -10.89 15.19
C LEU C 213 0.81 -10.27 14.04
N THR C 214 0.06 -11.10 13.32
CA THR C 214 -0.73 -10.64 12.20
C THR C 214 -2.17 -11.16 12.26
N GLY C 215 -2.97 -10.72 11.29
CA GLY C 215 -4.38 -11.08 11.19
C GLY C 215 -4.99 -9.99 10.33
N TRP C 216 -6.31 -10.00 10.16
CA TRP C 216 -6.92 -8.98 9.34
C TRP C 216 -7.67 -7.99 10.24
N ASN C 217 -6.96 -6.93 10.64
CA ASN C 217 -7.44 -5.86 11.51
C ASN C 217 -7.39 -6.20 13.00
N VAL C 218 -6.42 -7.03 13.38
CA VAL C 218 -6.23 -7.49 14.76
C VAL C 218 -5.78 -6.35 15.67
N GLU C 219 -5.23 -5.30 15.08
CA GLU C 219 -4.77 -4.16 15.86
C GLU C 219 -5.90 -3.31 16.46
N SER C 220 -6.92 -2.98 15.67
CA SER C 220 -8.04 -2.17 16.16
C SER C 220 -9.24 -2.98 16.67
N PHE C 221 -9.14 -4.30 16.68
CA PHE C 221 -10.24 -5.12 17.17
C PHE C 221 -9.87 -6.38 18.00
N ASP C 222 -9.28 -7.38 17.35
CA ASP C 222 -8.88 -8.64 18.02
C ASP C 222 -8.00 -8.51 19.26
N ILE C 223 -6.89 -7.81 19.14
CA ILE C 223 -5.97 -7.66 20.26
C ILE C 223 -6.59 -6.87 21.42
N PRO C 224 -7.14 -5.68 21.15
CA PRO C 224 -7.75 -4.94 22.26
C PRO C 224 -8.91 -5.72 22.88
N TYR C 225 -9.62 -6.47 22.05
CA TYR C 225 -10.73 -7.23 22.55
C TYR C 225 -10.28 -8.37 23.47
N VAL C 226 -9.27 -9.12 23.05
CA VAL C 226 -8.76 -10.21 23.87
C VAL C 226 -8.15 -9.66 25.16
N TYR C 227 -7.50 -8.49 25.05
CA TYR C 227 -6.86 -7.86 26.19
C TYR C 227 -7.88 -7.41 27.23
N ASN C 228 -8.80 -6.54 26.82
CA ASN C 228 -9.84 -6.03 27.71
C ASN C 228 -10.71 -7.13 28.27
N ARG C 229 -11.02 -8.12 27.44
CA ARG C 229 -11.84 -9.22 27.89
C ARG C 229 -11.15 -9.90 29.08
N ILE C 230 -9.97 -10.47 28.83
CA ILE C 230 -9.21 -11.16 29.86
C ILE C 230 -9.06 -10.23 31.06
N LYS C 231 -8.76 -8.97 30.77
CA LYS C 231 -8.64 -7.99 31.83
C LYS C 231 -9.90 -8.07 32.69
N ASN C 232 -11.03 -7.67 32.11
CA ASN C 232 -12.32 -7.70 32.78
C ASN C 232 -12.55 -8.88 33.72
N ILE C 233 -12.23 -10.07 33.23
CA ILE C 233 -12.43 -11.31 34.00
C ILE C 233 -11.31 -11.70 34.98
N PHE C 234 -10.07 -11.36 34.69
CA PHE C 234 -8.97 -11.74 35.56
C PHE C 234 -8.13 -10.60 36.12
N GLY C 235 -8.25 -9.40 35.57
CA GLY C 235 -7.46 -8.29 36.07
C GLY C 235 -6.34 -7.89 35.13
N GLU C 236 -6.13 -6.58 35.00
CA GLU C 236 -5.10 -6.06 34.10
C GLU C 236 -3.69 -6.58 34.34
N SER C 237 -3.46 -7.19 35.49
CA SER C 237 -2.13 -7.69 35.79
C SER C 237 -1.95 -9.16 35.45
N THR C 238 -2.99 -9.76 34.89
CA THR C 238 -2.91 -11.16 34.50
C THR C 238 -3.40 -11.19 33.06
N ALA C 239 -3.46 -9.98 32.51
CA ALA C 239 -3.89 -9.74 31.14
C ALA C 239 -2.63 -9.22 30.48
N LYS C 240 -1.79 -8.58 31.28
CA LYS C 240 -0.52 -8.06 30.78
C LYS C 240 0.42 -9.21 30.45
N ARG C 241 -0.05 -10.43 30.66
CA ARG C 241 0.75 -11.62 30.38
C ARG C 241 0.78 -11.99 28.89
N LEU C 242 0.29 -11.08 28.05
CA LEU C 242 0.30 -11.30 26.61
C LEU C 242 1.60 -10.65 26.15
N SER C 243 2.23 -9.96 27.10
CA SER C 243 3.50 -9.28 26.89
C SER C 243 4.61 -10.14 27.52
N PRO C 244 5.53 -10.66 26.70
CA PRO C 244 6.61 -11.50 27.24
C PRO C 244 7.39 -10.82 28.37
N HIS C 245 7.21 -9.51 28.52
CA HIS C 245 7.88 -8.72 29.58
C HIS C 245 6.92 -8.13 30.61
N ARG C 246 5.67 -8.60 30.58
CA ARG C 246 4.64 -8.14 31.49
C ARG C 246 4.46 -6.61 31.46
N LYS C 247 4.65 -6.01 30.29
CA LYS C 247 4.46 -4.58 30.18
C LYS C 247 3.64 -4.26 28.94
N THR C 248 2.63 -3.42 29.12
CA THR C 248 1.75 -3.01 28.02
C THR C 248 1.51 -1.51 28.16
N ARG C 249 0.92 -0.91 27.15
CA ARG C 249 0.61 0.51 27.16
C ARG C 249 -0.65 0.71 26.35
N VAL C 250 -1.74 1.09 27.03
CA VAL C 250 -3.03 1.32 26.38
C VAL C 250 -3.29 2.75 25.93
N LYS C 251 -3.49 2.94 24.64
CA LYS C 251 -3.77 4.28 24.13
C LYS C 251 -5.23 4.34 23.72
N VAL C 252 -5.89 5.45 24.01
CA VAL C 252 -7.31 5.58 23.68
C VAL C 252 -7.64 6.70 22.72
N ILE C 253 -8.66 6.47 21.90
CA ILE C 253 -9.12 7.47 20.93
C ILE C 253 -10.63 7.42 20.68
N GLU C 254 -11.20 8.55 20.33
CA GLU C 254 -12.63 8.63 20.06
C GLU C 254 -12.97 9.98 19.36
N ASN C 255 -13.78 9.89 18.31
CA ASN C 255 -14.30 11.02 17.56
C ASN C 255 -15.82 10.97 17.60
N MET C 256 -16.48 12.01 18.09
CA MET C 256 -17.88 12.16 18.14
C MET C 256 -18.60 10.95 18.63
N TYR C 257 -18.82 9.97 17.75
CA TYR C 257 -19.49 8.74 18.21
C TYR C 257 -18.75 7.43 17.87
N GLY C 258 -17.44 7.53 17.80
CA GLY C 258 -16.62 6.40 17.49
C GLY C 258 -15.48 6.45 18.46
N SER C 259 -15.05 5.31 18.97
CA SER C 259 -13.97 5.27 19.94
C SER C 259 -13.13 3.98 19.85
N ARG C 260 -11.83 4.08 20.08
CA ARG C 260 -10.97 2.90 19.99
C ARG C 260 -9.79 2.80 20.93
N GLU C 261 -9.31 1.57 21.13
CA GLU C 261 -8.17 1.28 21.99
C GLU C 261 -7.10 0.50 21.24
N ILE C 262 -5.85 0.92 21.32
CA ILE C 262 -4.77 0.19 20.66
C ILE C 262 -3.73 -0.18 21.73
N ILE C 263 -3.76 -1.46 22.08
CA ILE C 263 -2.90 -1.98 23.12
C ILE C 263 -1.53 -2.44 22.65
N THR C 264 -0.52 -1.61 22.87
CA THR C 264 0.83 -1.97 22.48
C THR C 264 1.45 -2.98 23.46
N LEU C 265 1.77 -4.16 22.95
CA LEU C 265 2.35 -5.22 23.78
C LEU C 265 3.87 -5.16 23.72
N PHE C 266 4.49 -4.88 24.85
CA PHE C 266 5.95 -4.81 24.90
C PHE C 266 6.59 -6.17 24.62
N GLY C 267 7.64 -6.17 23.82
CA GLY C 267 8.30 -7.43 23.53
C GLY C 267 7.76 -8.24 22.37
N ILE C 268 6.83 -7.67 21.62
CA ILE C 268 6.30 -8.36 20.46
C ILE C 268 5.88 -7.37 19.40
N SER C 269 6.24 -7.66 18.14
CA SER C 269 5.93 -6.78 17.00
C SER C 269 4.62 -7.09 16.28
N VAL C 270 3.71 -6.12 16.29
CA VAL C 270 2.42 -6.26 15.64
C VAL C 270 2.39 -5.61 14.27
N LEU C 271 2.24 -6.45 13.24
CA LEU C 271 2.15 -6.03 11.84
C LEU C 271 0.79 -6.54 11.33
N ASP C 272 -0.25 -5.72 11.54
CA ASP C 272 -1.63 -6.03 11.12
C ASP C 272 -1.56 -6.09 9.61
N TYR C 273 -2.02 -7.19 9.02
CA TYR C 273 -1.91 -7.30 7.57
C TYR C 273 -2.75 -6.30 6.79
N ILE C 274 -3.84 -5.84 7.35
CA ILE C 274 -4.63 -4.87 6.61
C ILE C 274 -3.84 -3.59 6.57
N ASP C 275 -3.24 -3.25 7.70
CA ASP C 275 -2.44 -2.03 7.80
C ASP C 275 -1.29 -2.18 6.82
N LEU C 276 -0.82 -3.41 6.72
CA LEU C 276 0.31 -3.75 5.88
C LEU C 276 -0.10 -3.76 4.41
N TYR C 277 -1.23 -4.40 4.12
CA TYR C 277 -1.71 -4.48 2.75
C TYR C 277 -2.00 -3.10 2.15
N LYS C 278 -2.40 -2.16 2.99
CA LYS C 278 -2.69 -0.82 2.49
C LYS C 278 -1.44 -0.02 2.18
N LYS C 279 -0.30 -0.40 2.76
CA LYS C 279 0.91 0.36 2.50
C LYS C 279 1.73 -0.08 1.28
N PHE C 280 2.00 -1.37 1.15
CA PHE C 280 2.80 -1.85 0.04
C PHE C 280 2.01 -2.32 -1.18
N SER C 281 0.70 -2.25 -1.11
CA SER C 281 -0.16 -2.70 -2.21
C SER C 281 -0.07 -1.81 -3.44
N PHE C 282 -0.03 -0.50 -3.21
CA PHE C 282 0.07 0.46 -4.29
C PHE C 282 -1.07 0.32 -5.29
N THR C 283 -2.21 -0.13 -4.80
CA THR C 283 -3.39 -0.32 -5.60
C THR C 283 -4.55 0.12 -4.73
N ASN C 284 -5.31 1.12 -5.17
CA ASN C 284 -6.42 1.54 -4.35
C ASN C 284 -7.62 0.66 -4.52
N GLN C 285 -7.91 -0.12 -3.49
CA GLN C 285 -9.05 -0.98 -3.51
C GLN C 285 -10.22 -0.14 -3.01
N PRO C 286 -11.38 -0.26 -3.66
CA PRO C 286 -12.56 0.51 -3.25
C PRO C 286 -13.10 0.00 -1.92
N SER C 287 -12.55 -1.11 -1.46
CA SER C 287 -12.96 -1.75 -0.21
C SER C 287 -11.74 -2.53 0.30
N TYR C 288 -11.68 -2.79 1.61
CA TYR C 288 -10.56 -3.55 2.16
C TYR C 288 -10.99 -4.70 3.05
N SER C 289 -12.15 -5.25 2.75
CA SER C 289 -12.64 -6.37 3.53
C SER C 289 -11.85 -7.61 3.14
N LEU C 290 -11.66 -8.49 4.10
CA LEU C 290 -10.92 -9.73 3.85
C LEU C 290 -11.54 -10.38 2.64
N ASP C 291 -12.87 -10.30 2.57
CA ASP C 291 -13.65 -10.88 1.49
C ASP C 291 -13.34 -10.30 0.11
N TYR C 292 -13.30 -8.97 0.03
CA TYR C 292 -13.03 -8.31 -1.24
C TYR C 292 -11.59 -8.50 -1.70
N ILE C 293 -10.65 -8.25 -0.79
CA ILE C 293 -9.24 -8.40 -1.13
C ILE C 293 -8.90 -9.84 -1.43
N SER C 294 -9.51 -10.77 -0.72
CA SER C 294 -9.22 -12.19 -0.96
C SER C 294 -9.70 -12.60 -2.35
N GLU C 295 -10.76 -11.95 -2.82
CA GLU C 295 -11.29 -12.22 -4.15
C GLU C 295 -10.30 -11.69 -5.18
N PHE C 296 -9.94 -10.43 -5.03
CA PHE C 296 -9.01 -9.76 -5.92
C PHE C 296 -7.70 -10.52 -6.11
N GLU C 297 -7.07 -10.88 -4.99
CA GLU C 297 -5.77 -11.57 -4.98
C GLU C 297 -5.84 -13.07 -5.17
N LEU C 298 -6.99 -13.67 -4.92
CA LEU C 298 -7.09 -15.12 -5.02
C LEU C 298 -8.23 -15.69 -5.88
N ASN C 299 -9.02 -14.81 -6.49
CA ASN C 299 -10.17 -15.24 -7.30
C ASN C 299 -10.86 -16.37 -6.58
N VAL C 300 -11.21 -16.07 -5.33
CA VAL C 300 -11.89 -16.98 -4.42
C VAL C 300 -13.18 -16.26 -4.00
N GLY C 301 -14.27 -17.02 -3.91
CA GLY C 301 -15.55 -16.42 -3.56
C GLY C 301 -15.93 -16.25 -2.10
N LYS C 302 -16.77 -15.26 -1.85
CA LYS C 302 -17.27 -14.95 -0.51
C LYS C 302 -18.04 -16.12 0.09
N LEU C 303 -17.35 -16.96 0.85
CA LEU C 303 -17.96 -18.12 1.49
C LEU C 303 -19.41 -17.85 1.91
N LYS C 304 -20.33 -18.68 1.40
CA LYS C 304 -21.76 -18.51 1.67
C LYS C 304 -22.23 -19.13 2.98
N TYR C 305 -23.30 -18.53 3.52
CA TYR C 305 -23.95 -18.98 4.75
C TYR C 305 -25.18 -18.10 4.89
N ASP C 306 -26.32 -18.70 5.20
CA ASP C 306 -27.55 -17.93 5.33
C ASP C 306 -27.96 -17.60 6.77
N GLY C 307 -28.74 -16.53 6.89
CA GLY C 307 -29.20 -16.10 8.20
C GLY C 307 -28.46 -14.88 8.71
N PRO C 308 -28.94 -14.25 9.79
CA PRO C 308 -28.30 -13.07 10.36
C PRO C 308 -26.99 -13.51 11.05
N ILE C 309 -25.93 -12.76 10.81
CA ILE C 309 -24.60 -13.04 11.36
C ILE C 309 -24.53 -13.22 12.87
N SER C 310 -25.30 -12.44 13.61
CA SER C 310 -25.32 -12.50 15.07
C SER C 310 -25.88 -13.79 15.66
N LYS C 311 -26.38 -14.68 14.82
CA LYS C 311 -26.94 -15.91 15.34
C LYS C 311 -26.42 -17.13 14.60
N LEU C 312 -25.43 -16.93 13.72
CA LEU C 312 -24.86 -18.04 12.96
C LEU C 312 -24.27 -19.14 13.84
N ARG C 313 -23.99 -18.82 15.11
CA ARG C 313 -23.43 -19.81 16.02
C ARG C 313 -24.45 -20.78 16.61
N GLU C 314 -25.57 -20.25 17.11
CA GLU C 314 -26.60 -21.09 17.67
C GLU C 314 -27.40 -21.75 16.54
N SER C 315 -27.33 -21.16 15.36
CA SER C 315 -28.03 -21.67 14.19
C SER C 315 -27.24 -22.85 13.64
N ASN C 316 -26.01 -22.57 13.22
CA ASN C 316 -25.12 -23.58 12.68
C ASN C 316 -23.70 -23.34 13.20
N HIS C 317 -23.28 -24.21 14.12
CA HIS C 317 -21.95 -24.14 14.72
C HIS C 317 -20.88 -24.74 13.82
N GLN C 318 -21.13 -25.95 13.31
CA GLN C 318 -20.21 -26.62 12.42
C GLN C 318 -19.52 -25.64 11.47
N ARG C 319 -20.32 -25.02 10.61
CA ARG C 319 -19.84 -24.04 9.63
C ARG C 319 -19.28 -22.77 10.27
N TYR C 320 -19.83 -22.39 11.42
CA TYR C 320 -19.37 -21.22 12.14
C TYR C 320 -17.86 -21.31 12.36
N ILE C 321 -17.42 -22.43 12.93
CA ILE C 321 -16.01 -22.68 13.20
C ILE C 321 -15.19 -22.87 11.92
N SER C 322 -15.71 -23.63 10.97
CA SER C 322 -14.99 -23.89 9.73
C SER C 322 -14.67 -22.62 8.94
N TYR C 323 -15.48 -21.59 9.14
CA TYR C 323 -15.25 -20.34 8.43
C TYR C 323 -14.27 -19.44 9.19
N ASN C 324 -13.94 -19.85 10.40
CA ASN C 324 -12.99 -19.12 11.24
C ASN C 324 -11.62 -19.55 10.73
N ILE C 325 -11.43 -20.85 10.61
CA ILE C 325 -10.18 -21.39 10.11
C ILE C 325 -9.90 -20.91 8.68
N ILE C 326 -10.87 -21.10 7.79
CA ILE C 326 -10.72 -20.72 6.39
C ILE C 326 -10.19 -19.29 6.28
N ASP C 327 -10.75 -18.42 7.10
CA ASP C 327 -10.35 -17.02 7.06
C ASP C 327 -8.91 -16.80 7.49
N VAL C 328 -8.46 -17.49 8.52
CA VAL C 328 -7.07 -17.34 8.96
C VAL C 328 -6.23 -17.82 7.79
N TYR C 329 -6.69 -18.87 7.13
CA TYR C 329 -5.98 -19.43 6.00
C TYR C 329 -5.89 -18.44 4.80
N ARG C 330 -6.97 -17.72 4.53
CA ARG C 330 -7.00 -16.77 3.42
C ARG C 330 -5.94 -15.68 3.59
N VAL C 331 -5.64 -15.35 4.83
CA VAL C 331 -4.62 -14.34 5.12
C VAL C 331 -3.21 -14.89 4.83
N LEU C 332 -2.98 -16.18 5.06
CA LEU C 332 -1.67 -16.76 4.78
C LEU C 332 -1.47 -16.82 3.26
N GLN C 333 -2.55 -17.10 2.54
CA GLN C 333 -2.48 -17.19 1.11
C GLN C 333 -2.14 -15.83 0.51
N ILE C 334 -2.59 -14.78 1.17
CA ILE C 334 -2.31 -13.45 0.65
C ILE C 334 -0.87 -13.08 0.93
N ASP C 335 -0.35 -13.55 2.06
CA ASP C 335 1.03 -13.25 2.41
C ASP C 335 1.96 -14.14 1.57
N ALA C 336 1.53 -15.37 1.35
CA ALA C 336 2.30 -16.29 0.56
C ALA C 336 2.38 -15.75 -0.88
N LYS C 337 1.53 -14.79 -1.19
CA LYS C 337 1.51 -14.22 -2.52
C LYS C 337 2.12 -12.82 -2.55
N ARG C 338 1.77 -11.99 -1.58
CA ARG C 338 2.29 -10.63 -1.56
C ARG C 338 3.64 -10.53 -0.85
N GLN C 339 3.90 -11.46 0.06
CA GLN C 339 5.15 -11.51 0.82
C GLN C 339 5.46 -10.24 1.60
N PHE C 340 4.44 -9.57 2.13
CA PHE C 340 4.66 -8.32 2.85
C PHE C 340 5.35 -8.40 4.22
N ILE C 341 5.13 -9.49 4.96
CA ILE C 341 5.77 -9.64 6.26
C ILE C 341 7.27 -9.80 6.00
N ASN C 342 7.57 -10.60 4.98
CA ASN C 342 8.94 -10.86 4.60
C ASN C 342 9.68 -9.59 4.15
N LEU C 343 8.93 -8.63 3.62
CA LEU C 343 9.50 -7.36 3.17
C LEU C 343 9.75 -6.52 4.43
N SER C 344 8.87 -6.66 5.41
CA SER C 344 8.98 -5.93 6.67
C SER C 344 10.27 -6.27 7.41
N LEU C 345 10.50 -7.56 7.59
CA LEU C 345 11.70 -8.02 8.26
C LEU C 345 12.95 -7.46 7.54
N ASP C 346 13.04 -7.72 6.24
CA ASP C 346 14.18 -7.28 5.43
C ASP C 346 14.53 -5.80 5.61
N MET C 347 13.54 -4.93 5.49
CA MET C 347 13.73 -3.49 5.64
C MET C 347 14.07 -3.21 7.10
N GLY C 348 13.38 -3.90 8.00
CA GLY C 348 13.64 -3.71 9.41
C GLY C 348 15.08 -3.99 9.79
N TYR C 349 15.55 -5.19 9.46
CA TYR C 349 16.93 -5.58 9.77
C TYR C 349 17.97 -4.81 8.98
N TYR C 350 17.54 -4.05 7.97
CA TYR C 350 18.46 -3.29 7.15
C TYR C 350 18.80 -2.00 7.82
N ALA C 351 17.80 -1.39 8.44
CA ALA C 351 17.94 -0.13 9.14
C ALA C 351 18.24 -0.36 10.63
N LYS C 352 18.05 -1.59 11.09
CA LYS C 352 18.29 -1.96 12.49
C LYS C 352 17.36 -1.22 13.39
N ILE C 353 16.08 -1.55 13.27
CA ILE C 353 15.00 -0.95 14.04
C ILE C 353 14.01 -2.02 14.48
N GLN C 354 13.01 -1.59 15.23
CA GLN C 354 11.99 -2.51 15.66
C GLN C 354 11.30 -2.76 14.35
N ILE C 355 10.86 -4.00 14.10
CA ILE C 355 10.22 -4.32 12.83
C ILE C 355 8.97 -3.47 12.55
N GLN C 356 8.20 -3.15 13.58
CA GLN C 356 6.99 -2.36 13.37
C GLN C 356 7.26 -0.93 12.98
N SER C 357 8.47 -0.45 13.22
CA SER C 357 8.77 0.94 12.88
C SER C 357 8.87 1.12 11.38
N VAL C 358 8.52 0.07 10.67
CA VAL C 358 8.59 0.07 9.22
C VAL C 358 7.47 0.94 8.67
N PHE C 359 6.41 1.11 9.46
CA PHE C 359 5.28 1.93 9.04
C PHE C 359 5.65 3.39 9.08
N SER C 360 6.84 3.68 9.62
CA SER C 360 7.31 5.06 9.72
C SER C 360 8.57 5.31 8.91
N PRO C 361 8.45 6.11 7.85
CA PRO C 361 9.59 6.44 6.98
C PRO C 361 10.60 7.25 7.79
N ILE C 362 10.09 8.00 8.76
CA ILE C 362 10.92 8.80 9.64
C ILE C 362 11.92 7.98 10.45
N LYS C 363 11.46 6.90 11.09
CA LYS C 363 12.33 6.05 11.91
C LYS C 363 13.37 5.33 11.06
N THR C 364 12.87 4.66 10.02
CA THR C 364 13.72 3.91 9.11
C THR C 364 14.87 4.74 8.61
N TRP C 365 14.60 5.84 7.94
CA TRP C 365 15.71 6.66 7.42
C TRP C 365 16.60 7.22 8.52
N ASP C 366 15.98 7.61 9.63
CA ASP C 366 16.74 8.16 10.74
C ASP C 366 17.80 7.16 11.18
N ALA C 367 17.44 5.88 11.24
CA ALA C 367 18.35 4.80 11.64
C ALA C 367 19.45 4.54 10.60
N ILE C 368 19.08 4.48 9.32
CA ILE C 368 20.03 4.26 8.24
C ILE C 368 21.13 5.32 8.27
N ILE C 369 20.76 6.60 8.25
CA ILE C 369 21.76 7.67 8.25
C ILE C 369 22.60 7.72 9.51
N PHE C 370 22.02 7.29 10.63
CA PHE C 370 22.72 7.26 11.90
C PHE C 370 23.81 6.20 11.87
N ASN C 371 23.42 4.99 11.52
CA ASN C 371 24.34 3.87 11.43
C ASN C 371 25.44 4.16 10.42
N SER C 372 25.10 4.78 9.31
CA SER C 372 26.09 5.10 8.30
C SER C 372 27.07 6.09 8.88
N LEU C 373 26.55 7.10 9.57
CA LEU C 373 27.38 8.13 10.17
C LEU C 373 28.23 7.67 11.34
N LYS C 374 27.69 6.77 12.14
CA LYS C 374 28.40 6.25 13.31
C LYS C 374 29.66 5.48 12.92
N GLU C 375 29.63 4.78 11.78
CA GLU C 375 30.80 4.04 11.36
C GLU C 375 31.91 4.96 10.84
N GLN C 376 31.79 6.25 11.12
CA GLN C 376 32.79 7.20 10.68
C GLN C 376 33.14 8.20 11.77
N ASN C 377 32.71 7.90 13.00
CA ASN C 377 32.96 8.77 14.13
C ASN C 377 32.26 10.10 13.88
N LYS C 378 31.05 10.05 13.32
CA LYS C 378 30.29 11.26 13.06
C LYS C 378 29.14 11.31 14.05
N VAL C 379 28.72 12.52 14.41
CA VAL C 379 27.65 12.69 15.40
C VAL C 379 26.40 13.35 14.83
N ILE C 380 25.28 12.64 14.88
CA ILE C 380 24.03 13.18 14.33
C ILE C 380 23.52 14.39 15.07
N PRO C 381 22.95 15.35 14.33
CA PRO C 381 22.39 16.60 14.86
C PRO C 381 21.26 16.31 15.81
N GLN C 382 21.00 17.23 16.72
CA GLN C 382 19.89 17.01 17.63
C GLN C 382 18.62 17.43 16.90
N GLY C 383 17.54 16.69 17.13
CA GLY C 383 16.29 17.02 16.50
C GLY C 383 15.60 18.20 17.15
N ARG C 384 15.41 19.28 16.39
CA ARG C 384 14.74 20.46 16.90
C ARG C 384 13.43 20.55 16.12
N SER C 385 12.37 21.07 16.73
CA SER C 385 11.10 21.17 16.03
C SER C 385 10.96 22.49 15.26
N HIS C 386 10.07 22.48 14.28
CA HIS C 386 9.81 23.65 13.46
C HIS C 386 8.32 23.70 13.14
N PRO C 387 7.76 24.90 12.96
CA PRO C 387 6.34 25.12 12.66
C PRO C 387 5.92 24.49 11.34
N VAL C 388 4.86 23.70 11.34
CA VAL C 388 4.39 23.08 10.10
C VAL C 388 3.83 24.15 9.18
N GLN C 389 4.29 24.19 7.94
CA GLN C 389 3.83 25.17 6.97
C GLN C 389 4.16 24.69 5.57
N PRO C 390 3.14 24.69 4.68
CA PRO C 390 3.29 24.25 3.29
C PRO C 390 4.17 25.12 2.38
N TYR C 391 4.66 24.49 1.32
CA TYR C 391 5.51 25.13 0.31
C TYR C 391 5.02 24.64 -1.06
N PRO C 392 5.46 25.29 -2.16
CA PRO C 392 4.98 24.84 -3.48
C PRO C 392 4.95 23.33 -3.62
N GLY C 393 4.02 22.83 -4.42
CA GLY C 393 3.91 21.39 -4.61
C GLY C 393 4.40 20.94 -5.97
N ALA C 394 3.81 19.86 -6.47
CA ALA C 394 4.17 19.32 -7.77
C ALA C 394 3.46 20.07 -8.88
N PHE C 395 4.20 20.49 -9.91
CA PHE C 395 3.56 21.19 -11.01
C PHE C 395 2.71 20.22 -11.79
N VAL C 396 1.46 20.61 -12.02
CA VAL C 396 0.54 19.80 -12.79
C VAL C 396 -0.12 20.73 -13.79
N LYS C 397 0.15 20.48 -15.06
CA LYS C 397 -0.39 21.26 -16.16
C LYS C 397 -1.92 21.14 -16.23
N GLU C 398 -2.61 22.25 -16.43
CA GLU C 398 -4.07 22.19 -16.56
C GLU C 398 -4.29 21.92 -18.04
N PRO C 399 -4.69 20.68 -18.37
CA PRO C 399 -4.93 20.28 -19.75
C PRO C 399 -6.19 20.87 -20.32
N ILE C 400 -6.21 21.04 -21.64
CA ILE C 400 -7.43 21.51 -22.27
C ILE C 400 -8.24 20.22 -22.48
N PRO C 401 -9.45 20.11 -21.89
CA PRO C 401 -10.26 18.89 -22.05
C PRO C 401 -10.51 18.64 -23.52
N ASN C 402 -10.25 17.42 -23.95
CA ASN C 402 -10.44 17.11 -25.36
C ASN C 402 -10.05 15.65 -25.63
N ARG C 403 -10.15 15.26 -26.90
CA ARG C 403 -9.79 13.92 -27.33
C ARG C 403 -8.37 14.06 -27.86
N TYR C 404 -7.58 13.00 -27.74
CA TYR C 404 -6.21 13.00 -28.23
C TYR C 404 -5.93 11.65 -28.88
N LYS C 405 -5.77 11.69 -30.21
CA LYS C 405 -5.54 10.51 -31.05
C LYS C 405 -4.26 9.72 -30.79
N TYR C 406 -3.13 10.37 -31.03
CA TYR C 406 -1.85 9.73 -30.81
C TYR C 406 -1.15 10.40 -29.64
N VAL C 407 -0.73 9.59 -28.68
CA VAL C 407 -0.07 10.11 -27.50
C VAL C 407 1.01 9.16 -27.02
N MET C 408 2.19 9.72 -26.73
CA MET C 408 3.29 8.97 -26.18
C MET C 408 3.86 9.78 -25.02
N SER C 409 4.14 9.11 -23.91
CA SER C 409 4.63 9.81 -22.74
C SER C 409 6.06 9.50 -22.36
N PHE C 410 6.67 10.44 -21.65
CA PHE C 410 8.05 10.32 -21.19
C PHE C 410 8.10 10.54 -19.67
N ASP C 411 8.91 9.75 -18.97
CA ASP C 411 9.05 9.85 -17.51
C ASP C 411 10.49 10.08 -17.10
N LEU C 412 10.74 10.92 -16.09
CA LEU C 412 12.12 11.03 -15.68
C LEU C 412 12.34 10.24 -14.40
N THR C 413 13.43 9.48 -14.40
CA THR C 413 13.81 8.57 -13.32
C THR C 413 13.97 9.13 -11.92
N SER C 414 13.31 8.47 -10.95
CA SER C 414 13.36 8.87 -9.52
C SER C 414 13.60 10.37 -9.34
N LEU C 415 12.78 11.16 -10.01
CA LEU C 415 12.90 12.60 -10.00
C LEU C 415 13.48 13.25 -8.73
N TYR C 416 12.77 13.15 -7.61
CA TYR C 416 13.21 13.79 -6.36
C TYR C 416 14.52 13.30 -5.76
N PRO C 417 14.67 12.00 -5.55
CA PRO C 417 15.97 11.59 -4.97
C PRO C 417 17.07 12.04 -5.94
N SER C 418 16.73 12.08 -7.23
CA SER C 418 17.67 12.50 -8.26
C SER C 418 18.01 13.98 -8.20
N ILE C 419 17.06 14.83 -7.83
CA ILE C 419 17.36 16.25 -7.71
C ILE C 419 18.34 16.41 -6.53
N ILE C 420 18.00 15.83 -5.38
CA ILE C 420 18.82 15.86 -4.18
C ILE C 420 20.28 15.51 -4.51
N ARG C 421 20.48 14.64 -5.49
CA ARG C 421 21.84 14.25 -5.88
C ARG C 421 22.47 15.18 -6.91
N GLN C 422 21.63 15.84 -7.71
CA GLN C 422 22.16 16.71 -8.76
C GLN C 422 22.57 18.06 -8.20
N VAL C 423 21.69 18.65 -7.40
CA VAL C 423 21.97 19.93 -6.82
C VAL C 423 22.88 19.79 -5.62
N ASN C 424 22.84 18.62 -4.98
CA ASN C 424 23.65 18.33 -3.80
C ASN C 424 23.02 19.00 -2.56
N ILE C 425 21.72 18.83 -2.41
CA ILE C 425 20.98 19.42 -1.31
C ILE C 425 21.05 18.59 -0.03
N SER C 426 21.57 19.21 1.03
CA SER C 426 21.68 18.54 2.32
C SER C 426 21.72 19.66 3.36
N PRO C 427 21.51 19.34 4.63
CA PRO C 427 21.56 20.47 5.56
C PRO C 427 22.93 21.13 5.71
N GLU C 428 24.01 20.37 5.61
CA GLU C 428 25.34 20.95 5.78
C GLU C 428 26.07 21.30 4.48
N THR C 429 25.30 21.54 3.43
CA THR C 429 25.89 21.93 2.14
C THR C 429 25.36 23.29 1.72
N ILE C 430 24.50 23.90 2.56
CA ILE C 430 23.98 25.23 2.30
C ILE C 430 25.19 26.15 2.21
N ALA C 431 25.20 27.07 1.24
CA ALA C 431 26.35 27.95 1.09
C ALA C 431 25.97 29.39 0.88
N GLY C 432 24.69 29.64 0.65
CA GLY C 432 24.29 31.02 0.43
C GLY C 432 22.90 31.22 -0.14
N THR C 433 22.71 32.40 -0.70
CA THR C 433 21.44 32.81 -1.27
C THR C 433 21.73 33.70 -2.46
N PHE C 434 20.76 33.81 -3.37
CA PHE C 434 20.92 34.70 -4.51
C PHE C 434 19.60 35.39 -4.78
N LYS C 435 19.66 36.61 -5.34
CA LYS C 435 18.43 37.38 -5.64
C LYS C 435 17.68 36.62 -6.73
N VAL C 436 16.50 36.14 -6.36
CA VAL C 436 15.71 35.33 -7.26
C VAL C 436 14.64 36.00 -8.11
N ALA C 437 14.67 35.66 -9.40
CA ALA C 437 13.73 36.15 -10.39
C ALA C 437 12.46 35.29 -10.40
N PRO C 438 11.43 35.71 -11.14
CA PRO C 438 10.20 34.92 -11.21
C PRO C 438 10.56 33.53 -11.73
N LEU C 439 9.73 32.52 -11.47
CA LEU C 439 10.07 31.18 -11.92
C LEU C 439 9.99 31.05 -13.43
N HIS C 440 9.06 31.79 -14.01
CA HIS C 440 8.88 31.80 -15.45
C HIS C 440 10.17 32.24 -16.14
N ASP C 441 10.85 33.20 -15.54
CA ASP C 441 12.10 33.73 -16.08
C ASP C 441 13.17 32.66 -16.14
N TYR C 442 13.07 31.65 -15.28
CA TYR C 442 14.05 30.57 -15.30
C TYR C 442 13.73 29.48 -16.32
N ILE C 443 12.47 29.06 -16.42
CA ILE C 443 12.15 28.02 -17.39
C ILE C 443 12.46 28.47 -18.82
N ASN C 444 12.42 29.78 -19.05
CA ASN C 444 12.69 30.37 -20.37
C ASN C 444 14.13 30.83 -20.59
N ALA C 445 15.00 30.62 -19.60
CA ALA C 445 16.41 31.03 -19.71
C ALA C 445 16.55 32.52 -20.02
N VAL C 446 15.79 33.34 -19.28
CA VAL C 446 15.80 34.79 -19.45
C VAL C 446 16.53 35.44 -18.27
N ALA C 447 16.42 34.83 -17.09
CA ALA C 447 17.07 35.33 -15.89
C ALA C 447 18.60 35.23 -15.99
N GLU C 448 19.31 35.81 -15.04
CA GLU C 448 20.77 35.76 -15.03
C GLU C 448 21.26 34.53 -14.28
N ARG C 449 22.34 33.91 -14.77
CA ARG C 449 22.91 32.72 -14.14
C ARG C 449 23.23 33.06 -12.68
N PRO C 450 22.57 32.40 -11.72
CA PRO C 450 22.74 32.63 -10.29
C PRO C 450 24.16 32.58 -9.74
N SER C 451 24.94 31.59 -10.16
CA SER C 451 26.31 31.47 -9.67
C SER C 451 27.26 30.69 -10.56
N ASP C 452 28.55 30.92 -10.37
CA ASP C 452 29.57 30.23 -11.14
C ASP C 452 30.47 29.44 -10.19
N VAL C 453 30.09 29.41 -8.90
CA VAL C 453 30.85 28.66 -7.92
C VAL C 453 29.97 27.70 -7.12
N TYR C 454 28.67 27.97 -7.06
CA TYR C 454 27.77 27.11 -6.30
C TYR C 454 26.66 26.45 -7.12
N SER C 455 26.13 25.34 -6.59
CA SER C 455 25.06 24.55 -7.21
C SER C 455 23.73 25.13 -6.76
N CYS C 456 22.91 25.62 -7.69
CA CYS C 456 21.66 26.26 -7.32
C CYS C 456 20.29 25.67 -7.67
N SER C 457 19.26 26.31 -7.10
CA SER C 457 17.87 25.95 -7.29
C SER C 457 17.10 27.25 -7.56
N PRO C 458 16.02 27.18 -8.34
CA PRO C 458 15.21 28.35 -8.67
C PRO C 458 14.63 29.14 -7.49
N ASN C 459 14.61 28.57 -6.29
CA ASN C 459 14.07 29.31 -5.13
C ASN C 459 15.04 30.34 -4.54
N GLY C 460 16.34 30.11 -4.70
CA GLY C 460 17.32 31.05 -4.19
C GLY C 460 18.41 30.47 -3.32
N MET C 461 18.47 29.15 -3.22
CA MET C 461 19.49 28.49 -2.41
C MET C 461 20.71 28.12 -3.23
N MET C 462 21.84 27.99 -2.55
CA MET C 462 23.08 27.61 -3.21
C MET C 462 23.74 26.56 -2.36
N TYR C 463 24.37 25.59 -2.99
CA TYR C 463 25.01 24.52 -2.24
C TYR C 463 26.43 24.36 -2.66
N TYR C 464 27.21 23.71 -1.80
CA TYR C 464 28.62 23.46 -2.03
C TYR C 464 28.84 22.37 -3.07
N LYS C 465 29.56 22.70 -4.14
CA LYS C 465 29.85 21.74 -5.20
C LYS C 465 31.11 20.93 -4.95
N ASP C 466 31.91 21.34 -3.97
CA ASP C 466 33.16 20.67 -3.68
C ASP C 466 33.08 19.55 -2.64
N ARG C 467 31.95 19.44 -1.94
CA ARG C 467 31.81 18.40 -0.94
C ARG C 467 30.53 17.60 -1.17
N ASP C 468 30.57 16.32 -0.83
CA ASP C 468 29.42 15.47 -0.98
C ASP C 468 28.51 15.72 0.21
N GLY C 469 27.21 15.56 0.02
CA GLY C 469 26.30 15.78 1.11
C GLY C 469 25.98 14.48 1.81
N VAL C 470 25.61 14.57 3.08
CA VAL C 470 25.25 13.41 3.88
C VAL C 470 24.09 12.66 3.24
N VAL C 471 23.00 13.37 2.97
CA VAL C 471 21.82 12.77 2.38
C VAL C 471 22.11 12.21 0.98
N PRO C 472 22.63 13.04 0.06
CA PRO C 472 22.91 12.51 -1.28
C PRO C 472 23.89 11.33 -1.30
N THR C 473 24.83 11.30 -0.37
CA THR C 473 25.79 10.20 -0.33
C THR C 473 25.08 8.91 0.06
N GLU C 474 24.06 9.07 0.89
CA GLU C 474 23.28 7.95 1.37
C GLU C 474 22.34 7.41 0.30
N ILE C 475 21.80 8.30 -0.54
CA ILE C 475 20.89 7.88 -1.60
C ILE C 475 21.68 7.04 -2.60
N THR C 476 22.85 7.54 -2.98
CA THR C 476 23.72 6.85 -3.92
C THR C 476 24.11 5.45 -3.41
N LYS C 477 24.34 5.32 -2.10
CA LYS C 477 24.69 4.01 -1.57
C LYS C 477 23.57 3.01 -1.80
N VAL C 478 22.35 3.42 -1.47
CA VAL C 478 21.18 2.58 -1.63
C VAL C 478 20.88 2.27 -3.08
N PHE C 479 21.17 3.21 -3.97
CA PHE C 479 20.94 3.01 -5.39
C PHE C 479 21.88 1.93 -5.95
N ASN C 480 23.14 1.97 -5.54
CA ASN C 480 24.12 1.02 -6.01
C ASN C 480 23.93 -0.37 -5.40
N GLN C 481 23.21 -0.45 -4.30
CA GLN C 481 22.96 -1.72 -3.64
C GLN C 481 21.86 -2.50 -4.37
N ARG C 482 21.00 -1.79 -5.10
CA ARG C 482 19.95 -2.45 -5.85
C ARG C 482 20.59 -3.19 -7.00
N LYS C 483 21.46 -2.50 -7.72
CA LYS C 483 22.15 -3.11 -8.83
C LYS C 483 22.78 -4.42 -8.36
N GLU C 484 23.31 -4.40 -7.13
CA GLU C 484 23.96 -5.56 -6.56
C GLU C 484 23.01 -6.74 -6.35
N HIS C 485 21.82 -6.48 -5.82
CA HIS C 485 20.85 -7.54 -5.57
C HIS C 485 20.15 -7.98 -6.83
N LYS C 486 20.13 -7.11 -7.83
CA LYS C 486 19.52 -7.45 -9.11
C LYS C 486 20.36 -8.63 -9.60
N GLY C 487 21.66 -8.38 -9.73
CA GLY C 487 22.59 -9.39 -10.17
C GLY C 487 22.46 -10.72 -9.44
N TYR C 488 22.41 -10.67 -8.11
CA TYR C 488 22.28 -11.89 -7.31
C TYR C 488 21.01 -12.61 -7.72
N MET C 489 19.93 -11.86 -7.87
CA MET C 489 18.64 -12.42 -8.25
C MET C 489 18.71 -13.08 -9.62
N LEU C 490 19.13 -12.32 -10.62
CA LEU C 490 19.25 -12.86 -11.97
C LEU C 490 20.15 -14.07 -12.03
N ALA C 491 21.26 -14.04 -11.30
CA ALA C 491 22.17 -15.17 -11.30
C ALA C 491 21.58 -16.40 -10.60
N ALA C 492 20.73 -16.18 -9.61
CA ALA C 492 20.13 -17.28 -8.87
C ALA C 492 18.97 -17.86 -9.66
N GLN C 493 18.25 -16.97 -10.35
CA GLN C 493 17.11 -17.39 -11.15
C GLN C 493 17.63 -18.06 -12.41
N ARG C 494 18.92 -17.89 -12.65
CA ARG C 494 19.57 -18.47 -13.81
C ARG C 494 20.16 -19.84 -13.42
N ASN C 495 20.79 -19.91 -12.25
CA ASN C 495 21.36 -21.17 -11.77
C ASN C 495 20.20 -22.12 -11.54
N GLY C 496 19.01 -21.54 -11.40
CA GLY C 496 17.82 -22.34 -11.16
C GLY C 496 17.43 -23.17 -12.36
N GLU C 497 17.54 -22.58 -13.55
CA GLU C 497 17.20 -23.28 -14.78
C GLU C 497 18.18 -24.42 -14.96
N ILE C 498 19.47 -24.12 -14.87
CA ILE C 498 20.48 -25.14 -15.02
C ILE C 498 20.08 -26.38 -14.22
N ILE C 499 19.82 -26.18 -12.94
CA ILE C 499 19.43 -27.26 -12.04
C ILE C 499 18.19 -28.04 -12.51
N LYS C 500 17.18 -27.34 -12.99
CA LYS C 500 15.98 -28.04 -13.45
C LYS C 500 16.29 -28.95 -14.63
N GLU C 501 16.97 -28.42 -15.64
CA GLU C 501 17.34 -29.20 -16.80
C GLU C 501 18.02 -30.48 -16.34
N ALA C 502 18.86 -30.35 -15.32
CA ALA C 502 19.56 -31.52 -14.80
C ALA C 502 18.55 -32.55 -14.32
N LEU C 503 17.51 -32.07 -13.62
CA LEU C 503 16.45 -32.91 -13.08
C LEU C 503 15.72 -33.78 -14.11
N HIS C 504 15.83 -33.41 -15.39
CA HIS C 504 15.18 -34.19 -16.43
C HIS C 504 15.90 -35.53 -16.59
N ASN C 505 17.11 -35.63 -16.05
CA ASN C 505 17.90 -36.85 -16.11
C ASN C 505 18.61 -37.11 -14.79
N PRO C 506 17.83 -37.41 -13.74
CA PRO C 506 18.34 -37.69 -12.40
C PRO C 506 19.21 -38.94 -12.45
N ASN C 507 20.30 -38.94 -11.69
CA ASN C 507 21.20 -40.09 -11.66
C ASN C 507 20.88 -41.02 -10.48
N LEU C 508 20.50 -42.25 -10.81
CA LEU C 508 20.16 -43.27 -9.81
C LEU C 508 21.37 -43.54 -8.93
N SER C 509 21.38 -42.92 -7.76
CA SER C 509 22.48 -43.09 -6.81
C SER C 509 22.25 -42.26 -5.56
N VAL C 510 23.28 -42.19 -4.71
CA VAL C 510 23.19 -41.43 -3.48
C VAL C 510 24.36 -40.47 -3.35
N ASP C 511 24.03 -39.19 -3.29
CA ASP C 511 25.04 -38.15 -3.21
C ASP C 511 24.62 -37.04 -2.26
N GLU C 512 25.20 -35.86 -2.46
CA GLU C 512 24.90 -34.70 -1.62
C GLU C 512 24.67 -33.43 -2.42
N PRO C 513 23.96 -32.46 -1.82
CA PRO C 513 23.69 -31.20 -2.51
C PRO C 513 24.98 -30.38 -2.41
N LEU C 514 25.47 -29.92 -3.55
CA LEU C 514 26.71 -29.17 -3.62
C LEU C 514 26.74 -27.90 -2.77
N ASP C 515 27.93 -27.63 -2.24
CA ASP C 515 28.20 -26.45 -1.41
C ASP C 515 28.62 -25.29 -2.31
N VAL C 516 27.62 -24.56 -2.79
CA VAL C 516 27.85 -23.43 -3.69
C VAL C 516 27.06 -22.19 -3.32
N ASP C 517 27.53 -21.04 -3.76
CA ASP C 517 26.83 -19.78 -3.50
C ASP C 517 26.00 -19.45 -4.75
N TYR C 518 24.68 -19.48 -4.60
CA TYR C 518 23.79 -19.21 -5.72
C TYR C 518 23.71 -17.78 -6.30
N ARG C 519 24.28 -16.79 -5.61
CA ARG C 519 24.24 -15.41 -6.10
C ARG C 519 25.17 -15.26 -7.28
N PHE C 520 25.95 -16.30 -7.54
CA PHE C 520 26.89 -16.23 -8.65
C PHE C 520 26.72 -17.39 -9.62
N ASP C 521 26.71 -17.06 -10.91
CA ASP C 521 26.57 -18.05 -11.98
C ASP C 521 27.51 -19.24 -11.73
N PHE C 522 26.96 -20.45 -11.75
CA PHE C 522 27.73 -21.67 -11.53
C PHE C 522 28.91 -21.87 -12.47
N SER C 523 30.02 -22.37 -11.94
CA SER C 523 31.20 -22.63 -12.74
C SER C 523 30.99 -23.90 -13.59
N ASP C 524 31.81 -24.06 -14.62
CA ASP C 524 31.75 -25.24 -15.47
C ASP C 524 32.00 -26.50 -14.63
N GLU C 525 32.82 -26.39 -13.60
CA GLU C 525 33.10 -27.52 -12.73
C GLU C 525 31.80 -27.94 -12.07
N ILE C 526 31.12 -26.98 -11.44
CA ILE C 526 29.84 -27.24 -10.77
C ILE C 526 28.83 -27.81 -11.76
N LYS C 527 28.63 -27.11 -12.88
CA LYS C 527 27.69 -27.54 -13.91
C LYS C 527 27.90 -29.01 -14.26
N GLU C 528 29.18 -29.40 -14.32
CA GLU C 528 29.53 -30.77 -14.66
C GLU C 528 29.17 -31.79 -13.58
N LYS C 529 29.12 -31.36 -12.32
CA LYS C 529 28.75 -32.28 -11.24
C LYS C 529 27.24 -32.38 -11.19
N ILE C 530 26.57 -31.25 -11.42
CA ILE C 530 25.12 -31.20 -11.43
C ILE C 530 24.56 -32.39 -12.22
N LYS C 531 25.05 -32.56 -13.44
CA LYS C 531 24.60 -33.62 -14.33
C LYS C 531 24.67 -35.05 -13.76
N LYS C 532 25.50 -35.26 -12.74
CA LYS C 532 25.60 -36.59 -12.18
C LYS C 532 24.86 -36.75 -10.85
N LEU C 533 24.49 -35.62 -10.22
CA LEU C 533 23.79 -35.70 -8.94
C LEU C 533 22.49 -36.50 -9.01
N SER C 534 22.00 -36.93 -7.85
CA SER C 534 20.76 -37.70 -7.75
C SER C 534 19.58 -36.73 -7.77
N ALA C 535 18.38 -37.25 -7.59
CA ALA C 535 17.18 -36.41 -7.59
C ALA C 535 16.97 -35.73 -6.24
N LYS C 536 17.39 -36.40 -5.17
CA LYS C 536 17.26 -35.83 -3.83
C LYS C 536 18.08 -34.55 -3.82
N SER C 537 19.40 -34.71 -3.80
CA SER C 537 20.32 -33.59 -3.80
C SER C 537 19.90 -32.48 -4.74
N LEU C 538 19.68 -32.82 -6.00
CA LEU C 538 19.28 -31.84 -7.00
C LEU C 538 18.06 -31.02 -6.57
N ASN C 539 16.98 -31.69 -6.18
CA ASN C 539 15.76 -31.03 -5.72
C ASN C 539 16.02 -30.10 -4.55
N GLU C 540 17.04 -30.44 -3.77
CA GLU C 540 17.45 -29.66 -2.63
C GLU C 540 18.06 -28.37 -3.17
N MET C 541 19.05 -28.52 -4.04
CA MET C 541 19.73 -27.39 -4.63
C MET C 541 18.74 -26.45 -5.30
N LEU C 542 17.65 -26.98 -5.83
CA LEU C 542 16.67 -26.13 -6.48
C LEU C 542 15.96 -25.30 -5.44
N PHE C 543 15.71 -25.88 -4.28
CA PHE C 543 15.06 -25.17 -3.21
C PHE C 543 15.95 -23.97 -2.86
N ARG C 544 17.18 -24.26 -2.46
CA ARG C 544 18.15 -23.27 -2.09
C ARG C 544 18.45 -22.23 -3.16
N ALA C 545 18.31 -22.61 -4.42
CA ALA C 545 18.58 -21.67 -5.50
C ALA C 545 17.36 -20.78 -5.62
N GLN C 546 16.21 -21.36 -5.34
CA GLN C 546 14.96 -20.65 -5.41
C GLN C 546 14.87 -19.71 -4.21
N ARG C 547 15.38 -20.15 -3.06
CA ARG C 547 15.37 -19.34 -1.85
C ARG C 547 16.21 -18.08 -2.07
N THR C 548 17.39 -18.29 -2.64
CA THR C 548 18.30 -17.19 -2.90
C THR C 548 17.74 -16.17 -3.88
N GLU C 549 16.89 -16.62 -4.78
CA GLU C 549 16.33 -15.73 -5.79
C GLU C 549 15.33 -14.78 -5.20
N VAL C 550 14.47 -15.32 -4.35
CA VAL C 550 13.43 -14.51 -3.71
C VAL C 550 14.10 -13.50 -2.81
N ALA C 551 15.13 -13.96 -2.10
CA ALA C 551 15.90 -13.12 -1.17
C ALA C 551 16.48 -11.87 -1.83
N GLY C 552 17.07 -12.04 -2.99
CA GLY C 552 17.64 -10.91 -3.71
C GLY C 552 16.57 -10.01 -4.29
N MET C 553 15.38 -10.55 -4.53
CA MET C 553 14.26 -9.79 -5.07
C MET C 553 13.68 -8.86 -4.01
N THR C 554 13.39 -9.43 -2.85
CA THR C 554 12.84 -8.67 -1.74
C THR C 554 13.82 -7.57 -1.34
N ALA C 555 15.12 -7.90 -1.37
CA ALA C 555 16.17 -6.96 -1.04
C ALA C 555 16.09 -5.69 -1.89
N GLN C 556 15.75 -5.85 -3.16
CA GLN C 556 15.70 -4.70 -4.05
C GLN C 556 14.35 -4.00 -4.09
N ILE C 557 13.27 -4.69 -3.74
CA ILE C 557 11.97 -4.03 -3.69
C ILE C 557 12.14 -3.11 -2.49
N ASN C 558 12.97 -3.57 -1.57
CA ASN C 558 13.22 -2.84 -0.36
C ASN C 558 13.98 -1.55 -0.66
N ARG C 559 15.16 -1.65 -1.24
CA ARG C 559 15.94 -0.45 -1.54
C ARG C 559 15.10 0.47 -2.44
N LYS C 560 14.19 -0.12 -3.20
CA LYS C 560 13.37 0.72 -4.07
C LYS C 560 12.31 1.45 -3.26
N LEU C 561 11.68 0.76 -2.33
CA LEU C 561 10.65 1.43 -1.53
C LEU C 561 11.27 2.52 -0.67
N LEU C 562 12.49 2.24 -0.20
CA LEU C 562 13.26 3.14 0.65
C LEU C 562 13.49 4.48 -0.03
N ILE C 563 14.16 4.44 -1.18
CA ILE C 563 14.47 5.60 -1.97
C ILE C 563 13.23 6.45 -2.25
N ASN C 564 12.09 5.81 -2.51
CA ASN C 564 10.88 6.56 -2.80
C ASN C 564 10.26 7.23 -1.60
N SER C 565 10.56 6.76 -0.40
CA SER C 565 9.98 7.34 0.80
C SER C 565 10.83 8.39 1.44
N LEU C 566 12.00 8.65 0.86
CA LEU C 566 12.91 9.64 1.41
C LEU C 566 12.33 11.04 1.38
N TYR C 567 11.89 11.51 0.22
CA TYR C 567 11.32 12.85 0.13
C TYR C 567 10.24 13.04 1.20
N GLY C 568 9.61 11.95 1.59
CA GLY C 568 8.57 12.01 2.61
C GLY C 568 9.13 12.36 3.98
N ALA C 569 10.40 12.03 4.20
CA ALA C 569 11.06 12.32 5.46
C ALA C 569 11.62 13.75 5.43
N LEU C 570 12.30 14.08 4.34
CA LEU C 570 12.89 15.40 4.18
C LEU C 570 11.87 16.54 4.17
N GLY C 571 10.59 16.22 4.01
CA GLY C 571 9.56 17.25 3.99
C GLY C 571 8.75 17.28 5.28
N ASN C 572 9.04 16.33 6.16
CA ASN C 572 8.33 16.22 7.43
C ASN C 572 9.09 16.96 8.54
N VAL C 573 8.43 17.91 9.17
CA VAL C 573 9.05 18.72 10.23
C VAL C 573 9.65 17.90 11.37
N TRP C 574 9.24 16.66 11.51
CA TRP C 574 9.78 15.84 12.58
C TRP C 574 11.03 15.02 12.21
N PHE C 575 11.54 15.20 11.00
CA PHE C 575 12.72 14.47 10.60
C PHE C 575 13.93 15.26 11.09
N ARG C 576 14.87 14.56 11.70
CA ARG C 576 16.08 15.17 12.22
C ARG C 576 16.89 16.03 11.24
N TYR C 577 16.75 15.78 9.94
CA TYR C 577 17.51 16.53 8.95
C TYR C 577 16.65 17.44 8.10
N TYR C 578 15.46 17.78 8.59
CA TYR C 578 14.56 18.67 7.87
C TYR C 578 15.02 20.13 7.88
N ASP C 579 14.77 20.83 6.78
CA ASP C 579 15.08 22.24 6.64
C ASP C 579 14.16 22.78 5.57
N LEU C 580 13.16 23.55 5.99
CA LEU C 580 12.18 24.15 5.10
C LEU C 580 12.76 24.64 3.77
N ARG C 581 13.82 25.44 3.83
CA ARG C 581 14.44 25.98 2.62
C ARG C 581 14.93 24.90 1.64
N ASN C 582 15.33 23.73 2.14
CA ASN C 582 15.80 22.66 1.27
C ASN C 582 14.59 21.96 0.67
N ALA C 583 13.59 21.69 1.49
CA ALA C 583 12.38 21.02 1.02
C ALA C 583 11.77 21.78 -0.13
N THR C 584 11.90 23.11 -0.04
CA THR C 584 11.37 24.01 -1.05
C THR C 584 12.30 24.14 -2.27
N ALA C 585 13.59 23.89 -2.05
CA ALA C 585 14.57 23.95 -3.12
C ALA C 585 14.38 22.75 -4.07
N ILE C 586 13.91 21.64 -3.52
CA ILE C 586 13.67 20.39 -4.29
C ILE C 586 12.39 20.51 -5.09
N THR C 587 11.35 21.01 -4.43
CA THR C 587 10.07 21.14 -5.09
C THR C 587 10.06 22.20 -6.17
N THR C 588 10.75 23.31 -5.94
CA THR C 588 10.80 24.38 -6.94
C THR C 588 11.67 23.97 -8.13
N PHE C 589 12.65 23.11 -7.87
CA PHE C 589 13.55 22.63 -8.91
C PHE C 589 12.75 21.69 -9.81
N GLY C 590 12.11 20.70 -9.21
CA GLY C 590 11.31 19.75 -9.96
C GLY C 590 10.29 20.44 -10.86
N GLN C 591 9.71 21.56 -10.41
CA GLN C 591 8.75 22.29 -11.22
C GLN C 591 9.44 22.86 -12.44
N MET C 592 10.47 23.65 -12.20
CA MET C 592 11.23 24.28 -13.25
C MET C 592 11.68 23.25 -14.29
N ALA C 593 12.19 22.12 -13.84
CA ALA C 593 12.67 21.08 -14.74
C ALA C 593 11.58 20.67 -15.73
N LEU C 594 10.42 20.32 -15.19
CA LEU C 594 9.31 19.89 -16.03
C LEU C 594 8.92 20.90 -17.06
N GLN C 595 8.77 22.15 -16.65
CA GLN C 595 8.35 23.17 -17.61
C GLN C 595 9.45 23.57 -18.60
N TRP C 596 10.69 23.25 -18.25
CA TRP C 596 11.84 23.54 -19.09
C TRP C 596 11.89 22.50 -20.21
N ILE C 597 11.77 21.22 -19.86
CA ILE C 597 11.79 20.16 -20.84
C ILE C 597 10.55 20.29 -21.72
N GLU C 598 9.50 20.92 -21.17
CA GLU C 598 8.27 21.12 -21.92
C GLU C 598 8.57 22.10 -23.06
N ARG C 599 9.09 23.27 -22.71
CA ARG C 599 9.45 24.28 -23.70
C ARG C 599 10.36 23.67 -24.76
N LYS C 600 11.38 22.93 -24.32
CA LYS C 600 12.35 22.30 -25.20
C LYS C 600 11.74 21.30 -26.18
N VAL C 601 10.86 20.44 -25.69
CA VAL C 601 10.22 19.48 -26.58
C VAL C 601 9.34 20.27 -27.54
N ASN C 602 8.49 21.17 -27.03
CA ASN C 602 7.64 21.97 -27.93
C ASN C 602 8.49 22.66 -28.99
N GLU C 603 9.73 22.97 -28.63
CA GLU C 603 10.66 23.61 -29.53
C GLU C 603 11.16 22.63 -30.59
N TYR C 604 11.61 21.47 -30.13
CA TYR C 604 12.14 20.47 -31.03
C TYR C 604 11.13 19.83 -31.98
N LEU C 605 9.89 19.65 -31.53
CA LEU C 605 8.88 19.04 -32.41
C LEU C 605 8.34 20.02 -33.45
N ASN C 606 8.28 21.30 -33.09
CA ASN C 606 7.76 22.30 -34.01
C ASN C 606 8.75 22.56 -35.12
N GLU C 607 10.02 22.31 -34.84
CA GLU C 607 11.05 22.54 -35.82
C GLU C 607 11.14 21.37 -36.77
N VAL C 608 11.04 20.18 -36.20
CA VAL C 608 11.13 18.95 -36.97
C VAL C 608 9.96 18.74 -37.91
N CYS C 609 8.77 19.14 -37.50
CA CYS C 609 7.59 18.99 -38.34
C CYS C 609 7.44 20.24 -39.19
N GLY C 610 8.33 21.21 -38.97
CA GLY C 610 8.28 22.45 -39.69
C GLY C 610 7.00 23.21 -39.44
N THR C 611 6.89 23.84 -38.28
CA THR C 611 5.69 24.62 -37.90
C THR C 611 6.11 25.65 -36.86
N GLU C 612 5.14 26.36 -36.30
CA GLU C 612 5.43 27.37 -35.29
C GLU C 612 4.31 27.62 -34.27
N GLY C 613 4.70 27.74 -33.02
CA GLY C 613 3.75 28.00 -31.96
C GLY C 613 2.87 26.83 -31.60
N GLU C 614 2.98 25.75 -32.38
CA GLU C 614 2.19 24.55 -32.11
C GLU C 614 2.56 24.02 -30.72
N ALA C 615 1.59 23.38 -30.06
CA ALA C 615 1.82 22.80 -28.74
C ALA C 615 1.70 21.28 -28.85
N PHE C 616 2.78 20.59 -28.54
CA PHE C 616 2.81 19.15 -28.62
C PHE C 616 2.62 18.51 -27.25
N VAL C 617 2.98 19.25 -26.22
CA VAL C 617 2.83 18.76 -24.86
C VAL C 617 1.44 19.17 -24.40
N LEU C 618 0.59 18.18 -24.22
CA LEU C 618 -0.77 18.41 -23.81
C LEU C 618 -1.02 18.31 -22.31
N TYR C 619 -0.12 17.67 -21.58
CA TYR C 619 -0.29 17.50 -20.15
C TYR C 619 1.01 17.13 -19.43
N GLY C 620 1.15 17.63 -18.20
CA GLY C 620 2.34 17.37 -17.41
C GLY C 620 2.03 16.80 -16.04
N ASP C 621 2.65 15.65 -15.78
CA ASP C 621 2.56 14.90 -14.52
C ASP C 621 3.43 15.70 -13.57
N THR C 622 3.95 15.04 -12.54
CA THR C 622 4.83 15.73 -11.62
C THR C 622 6.23 15.41 -12.10
N ASP C 623 6.33 14.33 -12.88
CA ASP C 623 7.59 13.89 -13.42
C ASP C 623 7.44 13.32 -14.84
N SER C 624 6.27 13.53 -15.43
CA SER C 624 5.98 13.04 -16.77
C SER C 624 5.39 14.11 -17.66
N ILE C 625 5.59 13.96 -18.96
CA ILE C 625 5.01 14.87 -19.93
C ILE C 625 4.32 13.99 -21.00
N TYR C 626 3.13 14.38 -21.44
CA TYR C 626 2.41 13.61 -22.45
C TYR C 626 2.38 14.38 -23.75
N VAL C 627 2.93 13.78 -24.79
CA VAL C 627 3.00 14.44 -26.09
C VAL C 627 2.07 13.82 -27.13
N SER C 628 1.44 14.67 -27.96
CA SER C 628 0.57 14.15 -29.00
C SER C 628 1.34 14.05 -30.33
N ALA C 629 1.56 12.82 -30.78
CA ALA C 629 2.30 12.54 -32.01
C ALA C 629 1.44 12.77 -33.24
N ASP C 630 0.30 13.41 -33.05
CA ASP C 630 -0.63 13.68 -34.14
C ASP C 630 0.01 14.15 -35.45
N LYS C 631 0.78 15.23 -35.40
CA LYS C 631 1.43 15.74 -36.61
C LYS C 631 2.60 14.86 -37.03
N ILE C 632 3.22 14.21 -36.05
CA ILE C 632 4.36 13.33 -36.36
C ILE C 632 3.85 12.17 -37.23
N ILE C 633 2.55 11.91 -37.20
CA ILE C 633 1.98 10.86 -38.02
C ILE C 633 1.47 11.46 -39.32
N ASP C 634 0.76 12.59 -39.24
CA ASP C 634 0.26 13.27 -40.44
C ASP C 634 1.42 13.53 -41.38
N LYS C 635 2.62 13.62 -40.80
CA LYS C 635 3.83 13.86 -41.58
C LYS C 635 4.15 12.64 -42.44
N VAL C 636 3.42 11.55 -42.22
CA VAL C 636 3.61 10.31 -42.96
C VAL C 636 2.27 9.69 -43.39
N GLY C 637 1.32 10.55 -43.75
CA GLY C 637 0.01 10.12 -44.24
C GLY C 637 -0.90 9.14 -43.49
N GLU C 638 -0.33 8.22 -42.73
CA GLU C 638 -1.12 7.24 -41.98
C GLU C 638 -1.82 6.25 -42.89
N SER C 639 -1.47 6.27 -44.17
CA SER C 639 -2.05 5.38 -45.16
C SER C 639 -0.88 4.60 -45.74
N LYS C 640 0.27 4.80 -45.12
CA LYS C 640 1.49 4.12 -45.53
C LYS C 640 1.81 3.12 -44.43
N PHE C 641 0.86 2.90 -43.55
CA PHE C 641 1.08 1.96 -42.47
C PHE C 641 0.36 0.64 -42.71
N ARG C 642 1.11 -0.45 -42.61
CA ARG C 642 0.54 -1.78 -42.80
C ARG C 642 -0.58 -1.99 -41.82
N ASP C 643 -0.20 -2.51 -40.66
CA ASP C 643 -1.09 -2.78 -39.56
C ASP C 643 -0.88 -1.70 -38.49
N THR C 644 -1.61 -1.78 -37.39
CA THR C 644 -1.48 -0.81 -36.31
C THR C 644 -0.13 -1.04 -35.64
N ASN C 645 0.23 -2.31 -35.49
CA ASN C 645 1.50 -2.70 -34.88
C ASN C 645 2.71 -2.12 -35.63
N HIS C 646 2.44 -1.41 -36.73
CA HIS C 646 3.51 -0.83 -37.54
C HIS C 646 3.86 0.59 -37.12
N TRP C 647 2.85 1.45 -36.95
CA TRP C 647 3.08 2.82 -36.52
C TRP C 647 3.56 2.83 -35.05
N VAL C 648 3.15 1.83 -34.27
CA VAL C 648 3.60 1.78 -32.90
C VAL C 648 5.13 1.61 -32.99
N ASP C 649 5.57 0.77 -33.92
CA ASP C 649 6.99 0.53 -34.16
C ASP C 649 7.69 1.84 -34.52
N PHE C 650 7.14 2.54 -35.51
CA PHE C 650 7.68 3.80 -35.98
C PHE C 650 7.85 4.83 -34.86
N LEU C 651 6.79 5.12 -34.11
CA LEU C 651 6.91 6.10 -33.01
C LEU C 651 7.94 5.62 -31.99
N ASP C 652 7.98 4.31 -31.76
CA ASP C 652 8.93 3.75 -30.81
C ASP C 652 10.37 4.11 -31.16
N LYS C 653 10.68 4.16 -32.45
CA LYS C 653 12.02 4.49 -32.91
C LYS C 653 12.25 6.00 -32.95
N PHE C 654 11.21 6.74 -33.33
CA PHE C 654 11.31 8.19 -33.42
C PHE C 654 11.54 8.83 -32.07
N ALA C 655 11.16 8.15 -31.00
CA ALA C 655 11.36 8.70 -29.66
C ALA C 655 12.76 8.37 -29.17
N ARG C 656 13.24 7.16 -29.50
CA ARG C 656 14.55 6.72 -29.05
C ARG C 656 15.72 7.35 -29.77
N GLU C 657 15.57 7.50 -31.10
CA GLU C 657 16.63 8.05 -31.93
C GLU C 657 16.61 9.56 -32.10
N ARG C 658 15.47 10.19 -31.85
CA ARG C 658 15.38 11.63 -32.03
C ARG C 658 14.80 12.39 -30.84
N MET C 659 13.69 11.93 -30.31
CA MET C 659 13.06 12.59 -29.19
C MET C 659 14.01 12.58 -28.00
N GLU C 660 14.37 11.38 -27.55
CA GLU C 660 15.24 11.21 -26.39
C GLU C 660 16.50 12.07 -26.44
N PRO C 661 17.26 11.98 -27.54
CA PRO C 661 18.49 12.76 -27.68
C PRO C 661 18.28 14.27 -27.53
N ALA C 662 17.20 14.80 -28.10
CA ALA C 662 16.94 16.23 -27.99
C ALA C 662 16.54 16.58 -26.54
N ILE C 663 16.06 15.57 -25.83
CA ILE C 663 15.65 15.76 -24.44
C ILE C 663 16.88 15.76 -23.55
N ASP C 664 17.79 14.80 -23.74
CA ASP C 664 18.99 14.74 -22.92
C ASP C 664 19.79 16.04 -23.09
N ARG C 665 19.92 16.50 -24.33
CA ARG C 665 20.64 17.74 -24.61
C ARG C 665 20.05 18.89 -23.82
N GLY C 666 18.73 19.01 -23.79
CA GLY C 666 18.10 20.09 -23.07
C GLY C 666 18.31 20.06 -21.56
N PHE C 667 18.26 18.87 -20.97
CA PHE C 667 18.46 18.75 -19.53
C PHE C 667 19.91 19.02 -19.10
N ARG C 668 20.84 19.00 -20.04
CA ARG C 668 22.23 19.28 -19.73
C ARG C 668 22.44 20.79 -19.76
N GLU C 669 21.78 21.46 -20.71
CA GLU C 669 21.91 22.91 -20.82
C GLU C 669 21.34 23.55 -19.57
N MET C 670 20.41 22.84 -18.91
CA MET C 670 19.79 23.34 -17.67
C MET C 670 20.70 23.06 -16.49
N CYS C 671 21.42 21.96 -16.55
CA CYS C 671 22.32 21.59 -15.48
C CYS C 671 23.43 22.65 -15.36
N GLU C 672 23.90 23.14 -16.50
CA GLU C 672 24.94 24.15 -16.48
C GLU C 672 24.39 25.49 -16.05
N TYR C 673 23.25 25.85 -16.62
CA TYR C 673 22.55 27.10 -16.30
C TYR C 673 22.44 27.30 -14.79
N MET C 674 22.03 26.24 -14.10
CA MET C 674 21.88 26.24 -12.65
C MET C 674 23.18 25.77 -11.97
N ASN C 675 24.18 25.46 -12.79
CA ASN C 675 25.48 25.05 -12.28
C ASN C 675 25.34 23.95 -11.24
N ASN C 676 25.06 22.72 -11.66
CA ASN C 676 24.91 21.65 -10.69
C ASN C 676 26.11 20.70 -10.62
N LYS C 677 26.16 19.94 -9.54
CA LYS C 677 27.26 19.00 -9.32
C LYS C 677 27.35 17.87 -10.35
N GLN C 678 26.25 17.15 -10.58
CA GLN C 678 26.25 16.02 -11.51
C GLN C 678 24.95 15.96 -12.28
N HIS C 679 25.01 15.77 -13.59
CA HIS C 679 23.78 15.68 -14.39
C HIS C 679 23.08 14.33 -14.16
N LEU C 680 21.84 14.38 -13.69
CA LEU C 680 21.10 13.16 -13.40
C LEU C 680 19.64 13.10 -13.87
N MET C 681 19.18 14.10 -14.62
CA MET C 681 17.81 14.11 -15.14
C MET C 681 17.65 13.23 -16.39
N PHE C 682 17.22 11.99 -16.19
CA PHE C 682 17.03 11.05 -17.28
C PHE C 682 15.55 10.83 -17.56
N MET C 683 15.11 11.28 -18.73
CA MET C 683 13.73 11.16 -19.12
C MET C 683 13.57 10.24 -20.32
N ASP C 684 13.11 9.01 -20.07
CA ASP C 684 12.90 8.02 -21.12
C ASP C 684 11.42 7.85 -21.44
N ARG C 685 11.13 7.64 -22.71
CA ARG C 685 9.76 7.41 -23.14
C ARG C 685 9.24 6.13 -22.52
N GLU C 686 8.00 6.13 -22.08
CA GLU C 686 7.47 4.92 -21.49
C GLU C 686 6.22 4.34 -22.15
N ALA C 687 5.25 5.18 -22.51
CA ALA C 687 4.04 4.62 -23.11
C ALA C 687 3.66 5.15 -24.50
N ILE C 688 3.12 4.25 -25.32
CA ILE C 688 2.64 4.59 -26.66
C ILE C 688 1.16 4.19 -26.75
N ALA C 689 0.34 5.13 -27.18
CA ALA C 689 -1.09 4.91 -27.25
C ALA C 689 -1.81 5.60 -28.42
N GLY C 690 -2.88 4.94 -28.89
CA GLY C 690 -3.68 5.44 -29.97
C GLY C 690 -4.75 4.41 -30.34
N PRO C 691 -5.52 4.68 -31.39
CA PRO C 691 -6.59 3.78 -31.85
C PRO C 691 -6.12 2.75 -32.89
N PRO C 692 -6.72 1.55 -32.87
CA PRO C 692 -6.37 0.47 -33.82
C PRO C 692 -6.37 1.02 -35.25
N LEU C 693 -5.37 0.64 -36.04
CA LEU C 693 -5.29 1.12 -37.43
C LEU C 693 -6.55 0.87 -38.23
N GLY C 694 -7.03 1.91 -38.92
CA GLY C 694 -8.23 1.78 -39.72
C GLY C 694 -9.50 1.62 -38.88
N SER C 695 -9.57 2.36 -37.78
CA SER C 695 -10.71 2.32 -36.88
C SER C 695 -11.24 3.72 -36.66
N LYS C 696 -12.37 3.82 -35.96
CA LYS C 696 -12.98 5.11 -35.68
C LYS C 696 -12.75 5.55 -34.24
N GLY C 697 -11.96 4.78 -33.49
CA GLY C 697 -11.63 5.09 -32.11
C GLY C 697 -10.93 6.45 -32.00
N ILE C 698 -11.01 7.09 -30.83
CA ILE C 698 -10.40 8.40 -30.64
C ILE C 698 -9.03 8.36 -29.98
N GLY C 699 -8.63 7.20 -29.46
CA GLY C 699 -7.32 7.06 -28.86
C GLY C 699 -7.26 7.33 -27.38
N GLY C 700 -7.71 8.51 -26.96
CA GLY C 700 -7.71 8.86 -25.55
C GLY C 700 -8.28 10.25 -25.31
N PHE C 701 -8.50 10.59 -24.05
CA PHE C 701 -9.04 11.90 -23.72
C PHE C 701 -8.72 12.29 -22.27
N TRP C 702 -8.77 13.60 -22.01
CA TRP C 702 -8.52 14.21 -20.70
C TRP C 702 -9.74 15.07 -20.36
N THR C 703 -10.24 14.96 -19.14
CA THR C 703 -11.38 15.77 -18.73
C THR C 703 -10.82 16.91 -17.89
N GLY C 704 -9.74 16.63 -17.18
CA GLY C 704 -9.08 17.62 -16.36
C GLY C 704 -7.83 17.05 -15.73
N LYS C 705 -7.23 17.81 -14.81
CA LYS C 705 -6.04 17.33 -14.14
C LYS C 705 -6.26 15.97 -13.49
N LYS C 706 -5.38 15.01 -13.82
CA LYS C 706 -5.43 13.66 -13.25
C LYS C 706 -6.67 12.85 -13.65
N ARG C 707 -7.27 13.21 -14.78
CA ARG C 707 -8.45 12.50 -15.26
C ARG C 707 -8.37 12.25 -16.76
N TYR C 708 -7.97 11.02 -17.11
CA TYR C 708 -7.82 10.69 -18.51
C TYR C 708 -7.87 9.21 -18.76
N ALA C 709 -8.02 8.86 -20.02
CA ALA C 709 -8.05 7.48 -20.45
C ALA C 709 -7.19 7.38 -21.70
N LEU C 710 -6.32 6.38 -21.74
CA LEU C 710 -5.43 6.14 -22.87
C LEU C 710 -5.52 4.67 -23.32
N ASN C 711 -5.44 4.46 -24.63
CA ASN C 711 -5.48 3.10 -25.17
C ASN C 711 -4.03 2.72 -25.46
N VAL C 712 -3.39 2.07 -24.50
CA VAL C 712 -1.98 1.72 -24.58
C VAL C 712 -1.51 0.44 -25.30
N TRP C 713 -0.56 0.64 -26.22
CA TRP C 713 0.01 -0.45 -27.01
C TRP C 713 1.37 -0.96 -26.53
N ASP C 714 2.22 -0.04 -26.11
CA ASP C 714 3.54 -0.38 -25.62
C ASP C 714 3.88 0.40 -24.35
N MET C 715 4.48 -0.31 -23.40
CA MET C 715 4.84 0.27 -22.14
C MET C 715 6.31 -0.01 -21.86
N GLU C 716 7.13 1.02 -21.96
CA GLU C 716 8.56 0.93 -21.71
C GLU C 716 9.28 -0.17 -22.46
N GLY C 717 8.78 -0.54 -23.64
CA GLY C 717 9.46 -1.57 -24.39
C GLY C 717 8.72 -2.88 -24.61
N THR C 718 7.79 -3.25 -23.73
CA THR C 718 7.10 -4.49 -23.97
C THR C 718 5.81 -4.21 -24.77
N ARG C 719 5.68 -4.91 -25.89
CA ARG C 719 4.54 -4.76 -26.80
C ARG C 719 3.40 -5.66 -26.34
N TYR C 720 2.25 -5.06 -26.11
CA TYR C 720 1.09 -5.80 -25.65
C TYR C 720 0.38 -6.52 -26.77
N ALA C 721 -0.01 -7.76 -26.52
CA ALA C 721 -0.73 -8.57 -27.50
C ALA C 721 -2.10 -7.92 -27.75
N GLU C 722 -2.75 -7.54 -26.66
CA GLU C 722 -4.05 -6.88 -26.68
C GLU C 722 -3.85 -5.52 -26.03
N PRO C 723 -4.27 -4.44 -26.68
CA PRO C 723 -4.08 -3.11 -26.10
C PRO C 723 -4.70 -3.03 -24.71
N LYS C 724 -4.09 -2.23 -23.84
CA LYS C 724 -4.60 -2.09 -22.47
C LYS C 724 -5.13 -0.70 -22.19
N LEU C 725 -6.23 -0.66 -21.44
CA LEU C 725 -6.86 0.60 -21.09
C LEU C 725 -6.25 1.12 -19.81
N LYS C 726 -5.84 2.38 -19.84
CA LYS C 726 -5.25 3.04 -18.69
C LYS C 726 -6.29 4.05 -18.21
N ILE C 727 -6.86 3.84 -17.03
CA ILE C 727 -7.88 4.74 -16.49
C ILE C 727 -7.43 5.42 -15.21
N MET C 728 -7.43 6.76 -15.25
CA MET C 728 -7.03 7.57 -14.11
C MET C 728 -8.11 8.57 -13.69
N GLY C 729 -8.55 8.45 -12.45
CA GLY C 729 -9.54 9.36 -11.88
C GLY C 729 -10.89 9.58 -12.55
N LEU C 730 -11.41 8.58 -13.24
CA LEU C 730 -12.69 8.77 -13.88
C LEU C 730 -13.74 8.15 -12.98
N GLU C 731 -13.29 7.62 -11.84
CA GLU C 731 -14.18 7.00 -10.87
C GLU C 731 -15.12 5.96 -11.45
N THR C 732 -14.52 4.98 -12.11
CA THR C 732 -15.28 3.92 -12.72
C THR C 732 -15.38 2.71 -11.79
N GLN C 733 -14.96 2.87 -10.53
CA GLN C 733 -15.02 1.78 -9.57
C GLN C 733 -15.57 2.18 -8.21
N LYS C 734 -16.38 3.23 -8.17
CA LYS C 734 -16.97 3.69 -6.92
C LYS C 734 -17.66 2.53 -6.19
N SER C 735 -17.52 2.49 -4.88
CA SER C 735 -18.17 1.47 -4.08
C SER C 735 -19.67 1.72 -4.15
N SER C 736 -20.03 2.99 -4.35
CA SER C 736 -21.42 3.41 -4.45
C SER C 736 -22.09 2.96 -5.73
N THR C 737 -21.31 2.50 -6.71
CA THR C 737 -21.90 2.07 -7.98
C THR C 737 -22.06 0.56 -8.07
N PRO C 738 -23.20 0.09 -8.62
CA PRO C 738 -23.48 -1.35 -8.77
C PRO C 738 -22.46 -1.98 -9.71
N LYS C 739 -21.87 -3.09 -9.27
CA LYS C 739 -20.86 -3.80 -10.04
C LYS C 739 -21.11 -3.81 -11.56
N ALA C 740 -22.36 -3.97 -11.96
CA ALA C 740 -22.72 -4.01 -13.37
C ALA C 740 -22.58 -2.67 -14.06
N VAL C 741 -22.60 -1.59 -13.27
CA VAL C 741 -22.48 -0.28 -13.87
C VAL C 741 -21.01 0.07 -13.97
N GLN C 742 -20.20 -0.61 -13.17
CA GLN C 742 -18.76 -0.39 -13.19
C GLN C 742 -18.23 -1.01 -14.47
N LYS C 743 -18.76 -2.20 -14.78
CA LYS C 743 -18.38 -2.92 -15.97
C LYS C 743 -18.89 -2.24 -17.24
N ALA C 744 -20.02 -1.54 -17.14
CA ALA C 744 -20.61 -0.85 -18.28
C ALA C 744 -19.92 0.47 -18.56
N LEU C 745 -19.49 1.16 -17.49
CA LEU C 745 -18.78 2.43 -17.62
C LEU C 745 -17.42 2.20 -18.26
N LYS C 746 -16.81 1.07 -17.93
CA LYS C 746 -15.51 0.73 -18.49
C LYS C 746 -15.66 0.36 -19.96
N GLU C 747 -16.84 -0.17 -20.28
CA GLU C 747 -17.15 -0.59 -21.63
C GLU C 747 -17.33 0.60 -22.59
N CYS C 748 -17.87 1.69 -22.07
CA CYS C 748 -18.08 2.87 -22.90
C CYS C 748 -16.75 3.54 -23.19
N ILE C 749 -15.81 3.39 -22.25
CA ILE C 749 -14.51 4.00 -22.44
C ILE C 749 -13.77 3.23 -23.53
N ARG C 750 -13.80 1.90 -23.46
CA ARG C 750 -13.12 1.08 -24.47
C ARG C 750 -13.67 1.36 -25.89
N ARG C 751 -14.98 1.52 -25.98
CA ARG C 751 -15.60 1.78 -27.26
C ARG C 751 -15.31 3.17 -27.77
N MET C 752 -15.15 4.13 -26.87
CA MET C 752 -14.83 5.47 -27.31
C MET C 752 -13.43 5.51 -27.87
N LEU C 753 -12.50 4.80 -27.23
CA LEU C 753 -11.10 4.80 -27.65
C LEU C 753 -10.76 3.87 -28.80
N GLN C 754 -11.24 2.63 -28.73
CA GLN C 754 -10.97 1.62 -29.73
C GLN C 754 -11.96 1.49 -30.89
N GLU C 755 -13.20 1.90 -30.70
CA GLU C 755 -14.20 1.77 -31.75
C GLU C 755 -14.83 3.04 -32.30
N GLY C 756 -15.20 3.99 -31.45
CA GLY C 756 -15.77 5.23 -31.94
C GLY C 756 -17.14 5.70 -31.44
N GLU C 757 -17.50 6.93 -31.80
CA GLU C 757 -18.78 7.53 -31.41
C GLU C 757 -19.96 6.61 -31.71
N GLU C 758 -20.03 6.14 -32.95
CA GLU C 758 -21.10 5.27 -33.38
C GLU C 758 -21.19 4.06 -32.45
N SER C 759 -20.11 3.29 -32.39
CA SER C 759 -20.10 2.10 -31.54
C SER C 759 -20.49 2.39 -30.10
N LEU C 760 -20.21 3.60 -29.65
CA LEU C 760 -20.54 3.99 -28.28
C LEU C 760 -22.04 3.95 -28.10
N GLN C 761 -22.73 4.79 -28.87
CA GLN C 761 -24.18 4.91 -28.81
C GLN C 761 -24.90 3.57 -28.83
N GLU C 762 -24.54 2.72 -29.79
CA GLU C 762 -25.14 1.40 -29.88
C GLU C 762 -25.21 0.79 -28.50
N TYR C 763 -24.07 0.79 -27.82
CA TYR C 763 -23.96 0.17 -26.51
C TYR C 763 -24.73 0.85 -25.36
N PHE C 764 -24.81 2.18 -25.39
CA PHE C 764 -25.55 2.90 -24.36
C PHE C 764 -27.00 2.44 -24.41
N LYS C 765 -27.49 2.26 -25.63
CA LYS C 765 -28.84 1.81 -25.86
C LYS C 765 -29.00 0.42 -25.24
N GLU C 766 -28.03 -0.45 -25.49
CA GLU C 766 -28.06 -1.81 -24.98
C GLU C 766 -28.12 -1.89 -23.46
N PHE C 767 -27.20 -1.21 -22.78
CA PHE C 767 -27.15 -1.24 -21.32
C PHE C 767 -28.38 -0.62 -20.70
N GLU C 768 -28.96 0.34 -21.40
CA GLU C 768 -30.15 1.06 -20.98
C GLU C 768 -31.23 0.07 -20.54
N LYS C 769 -31.70 -0.74 -21.49
CA LYS C 769 -32.74 -1.72 -21.22
C LYS C 769 -32.33 -2.92 -20.36
N GLU C 770 -31.09 -3.37 -20.47
CA GLU C 770 -30.65 -4.52 -19.69
C GLU C 770 -30.54 -4.14 -18.22
N PHE C 771 -30.29 -2.87 -17.95
CA PHE C 771 -30.17 -2.38 -16.58
C PHE C 771 -31.53 -2.29 -15.90
N ARG C 772 -32.54 -1.89 -16.66
CA ARG C 772 -33.90 -1.75 -16.12
C ARG C 772 -34.52 -3.11 -15.81
N GLN C 773 -33.87 -4.17 -16.28
CA GLN C 773 -34.37 -5.52 -16.05
C GLN C 773 -33.49 -6.33 -15.10
N LEU C 774 -32.80 -5.66 -14.19
CA LEU C 774 -31.95 -6.36 -13.23
C LEU C 774 -32.67 -6.55 -11.89
N ASN C 775 -32.39 -7.69 -11.25
CA ASN C 775 -32.98 -8.00 -9.95
C ASN C 775 -32.73 -6.81 -9.02
N TYR C 776 -33.59 -6.59 -8.04
CA TYR C 776 -33.41 -5.45 -7.13
C TYR C 776 -32.15 -5.54 -6.31
N ILE C 777 -32.06 -6.56 -5.45
CA ILE C 777 -30.88 -6.77 -4.61
C ILE C 777 -29.59 -6.58 -5.43
N SER C 778 -29.65 -6.82 -6.73
CA SER C 778 -28.48 -6.64 -7.57
C SER C 778 -27.97 -5.23 -7.37
N ILE C 779 -28.79 -4.26 -7.78
CA ILE C 779 -28.42 -2.84 -7.69
C ILE C 779 -28.56 -2.14 -6.33
N ALA C 780 -29.00 -2.88 -5.32
CA ALA C 780 -29.14 -2.33 -3.97
C ALA C 780 -27.81 -1.85 -3.42
N SER C 781 -27.82 -1.45 -2.15
CA SER C 781 -26.63 -0.95 -1.49
C SER C 781 -26.55 -1.42 -0.05
N VAL C 782 -25.34 -1.34 0.49
CA VAL C 782 -25.11 -1.76 1.85
C VAL C 782 -24.46 -0.68 2.69
N SER C 783 -24.71 -0.77 3.98
CA SER C 783 -24.20 0.15 4.99
C SER C 783 -24.89 -0.35 6.24
N SER C 784 -24.49 0.16 7.40
CA SER C 784 -25.11 -0.29 8.63
C SER C 784 -25.72 0.85 9.42
N ALA C 785 -26.64 0.49 10.30
CA ALA C 785 -27.32 1.46 11.13
C ALA C 785 -26.75 1.41 12.55
N ASN C 786 -25.87 2.35 12.87
CA ASN C 786 -25.25 2.37 14.18
C ASN C 786 -25.37 3.72 14.84
N ASN C 787 -26.61 4.18 14.93
CA ASN C 787 -27.02 5.44 15.54
C ASN C 787 -28.31 5.86 14.91
N ILE C 788 -29.30 4.98 14.97
CA ILE C 788 -30.60 5.26 14.41
C ILE C 788 -31.45 5.88 15.50
N ALA C 789 -31.32 5.32 16.70
CA ALA C 789 -32.08 5.78 17.86
C ALA C 789 -32.04 7.30 18.03
N LYS C 790 -30.88 7.89 17.76
CA LYS C 790 -30.75 9.34 17.90
C LYS C 790 -31.45 10.03 16.74
N TYR C 791 -31.01 9.71 15.53
CA TYR C 791 -31.57 10.27 14.31
C TYR C 791 -33.08 10.11 14.19
N ASP C 792 -33.66 9.32 15.08
CA ASP C 792 -35.09 9.06 15.06
C ASP C 792 -35.88 10.07 15.87
N VAL C 793 -36.73 10.83 15.18
CA VAL C 793 -37.56 11.83 15.83
C VAL C 793 -39.03 11.49 15.66
N GLY C 794 -39.62 10.90 16.70
CA GLY C 794 -41.03 10.52 16.65
C GLY C 794 -41.40 9.58 15.52
N GLY C 795 -40.41 8.84 15.00
CA GLY C 795 -40.68 7.91 13.92
C GLY C 795 -40.21 8.41 12.56
N PHE C 796 -39.80 9.67 12.50
CA PHE C 796 -39.33 10.25 11.24
C PHE C 796 -37.87 10.67 11.24
N PRO C 797 -37.28 10.84 10.04
CA PRO C 797 -35.88 11.23 9.99
C PRO C 797 -35.67 12.58 10.69
N GLY C 798 -34.69 12.64 11.58
CA GLY C 798 -34.41 13.88 12.27
C GLY C 798 -33.52 14.75 11.39
N PRO C 799 -33.03 15.89 11.90
CA PRO C 799 -32.17 16.74 11.08
C PRO C 799 -30.84 16.09 10.71
N LYS C 800 -30.36 16.38 9.49
CA LYS C 800 -29.11 15.85 8.94
C LYS C 800 -28.98 14.33 8.96
N CYS C 801 -30.13 13.65 8.94
CA CYS C 801 -30.19 12.20 8.94
C CYS C 801 -29.57 11.58 7.67
N PRO C 802 -28.85 10.45 7.81
CA PRO C 802 -28.21 9.75 6.69
C PRO C 802 -29.23 8.95 5.88
N PHE C 803 -29.00 8.89 4.57
CA PHE C 803 -29.87 8.17 3.66
C PHE C 803 -30.31 6.80 4.17
N HIS C 804 -29.36 5.94 4.50
CA HIS C 804 -29.73 4.61 4.98
C HIS C 804 -30.56 4.64 6.24
N ILE C 805 -30.41 5.68 7.06
CA ILE C 805 -31.23 5.78 8.27
C ILE C 805 -32.65 6.21 7.89
N ARG C 806 -32.77 6.95 6.80
CA ARG C 806 -34.05 7.42 6.30
C ARG C 806 -34.83 6.18 5.92
N GLY C 807 -34.16 5.27 5.22
CA GLY C 807 -34.82 4.04 4.82
C GLY C 807 -35.17 3.18 6.02
N ILE C 808 -34.24 3.07 6.94
CA ILE C 808 -34.43 2.24 8.12
C ILE C 808 -35.58 2.76 8.97
N LEU C 809 -36.02 3.98 8.69
CA LEU C 809 -37.13 4.56 9.42
C LEU C 809 -38.39 4.36 8.60
N THR C 810 -38.24 4.51 7.27
CA THR C 810 -39.34 4.34 6.34
C THR C 810 -39.84 2.90 6.46
N TYR C 811 -38.90 1.98 6.54
CA TYR C 811 -39.19 0.55 6.70
C TYR C 811 -39.90 0.39 8.03
N ASN C 812 -39.28 0.97 9.04
CA ASN C 812 -39.75 0.96 10.40
C ASN C 812 -41.21 1.41 10.52
N ARG C 813 -41.65 2.27 9.61
CA ARG C 813 -43.02 2.78 9.62
C ARG C 813 -44.06 1.86 8.99
N ALA C 814 -43.64 1.06 8.02
CA ALA C 814 -44.55 0.16 7.33
C ALA C 814 -44.72 -1.21 8.02
N ILE C 815 -43.95 -1.43 9.07
CA ILE C 815 -43.98 -2.69 9.81
C ILE C 815 -44.59 -2.59 11.21
N LYS C 816 -44.98 -1.40 11.63
CA LYS C 816 -45.58 -1.25 12.95
C LYS C 816 -46.74 -2.22 13.15
N GLY C 817 -46.70 -2.97 14.25
CA GLY C 817 -47.77 -3.93 14.53
C GLY C 817 -47.70 -5.23 13.77
N ASN C 818 -46.53 -5.86 13.78
CA ASN C 818 -46.29 -7.14 13.10
C ASN C 818 -45.16 -7.80 13.85
N ILE C 819 -45.20 -9.12 13.95
CA ILE C 819 -44.15 -9.82 14.68
C ILE C 819 -43.33 -10.75 13.80
N ASP C 820 -43.86 -11.11 12.64
CA ASP C 820 -43.13 -11.99 11.73
C ASP C 820 -42.04 -11.23 10.98
N ALA C 821 -42.24 -9.93 10.80
CA ALA C 821 -41.30 -9.07 10.07
C ALA C 821 -39.91 -8.94 10.69
N PRO C 822 -38.86 -9.10 9.88
CA PRO C 822 -37.47 -9.00 10.34
C PRO C 822 -37.20 -7.56 10.77
N GLN C 823 -36.95 -7.36 12.05
CA GLN C 823 -36.70 -6.02 12.55
C GLN C 823 -35.26 -5.57 12.37
N VAL C 824 -35.06 -4.26 12.17
CA VAL C 824 -33.71 -3.73 12.01
C VAL C 824 -33.22 -3.37 13.41
N VAL C 825 -32.03 -3.81 13.76
CA VAL C 825 -31.48 -3.54 15.07
C VAL C 825 -30.22 -2.68 15.02
N GLU C 826 -30.05 -1.86 16.06
CA GLU C 826 -28.90 -0.98 16.18
C GLU C 826 -27.60 -1.74 15.93
N GLY C 827 -26.83 -1.31 14.95
CA GLY C 827 -25.57 -1.97 14.65
C GLY C 827 -25.61 -3.06 13.59
N GLU C 828 -26.81 -3.48 13.19
CA GLU C 828 -26.95 -4.52 12.18
C GLU C 828 -26.49 -4.01 10.83
N LYS C 829 -26.85 -4.74 9.79
CA LYS C 829 -26.50 -4.40 8.40
C LYS C 829 -27.78 -4.37 7.57
N VAL C 830 -27.84 -3.45 6.60
CA VAL C 830 -29.05 -3.30 5.79
C VAL C 830 -28.85 -3.04 4.28
N TYR C 831 -29.95 -3.19 3.55
CA TYR C 831 -30.01 -2.93 2.11
C TYR C 831 -30.79 -1.63 1.88
N VAL C 832 -30.41 -0.87 0.85
CA VAL C 832 -31.08 0.39 0.57
C VAL C 832 -31.40 0.57 -0.91
N LEU C 833 -32.62 1.02 -1.19
CA LEU C 833 -33.05 1.27 -2.56
C LEU C 833 -33.78 2.59 -2.64
N PRO C 834 -33.51 3.38 -3.70
CA PRO C 834 -34.16 4.68 -3.90
C PRO C 834 -35.60 4.47 -4.37
N LEU C 835 -36.55 5.13 -3.73
CA LEU C 835 -37.95 4.97 -4.13
C LEU C 835 -38.42 6.08 -5.04
N ARG C 836 -39.28 5.70 -5.97
CA ARG C 836 -39.83 6.65 -6.93
C ARG C 836 -40.82 7.61 -6.22
N GLU C 837 -40.82 8.87 -6.63
CA GLU C 837 -41.70 9.88 -6.03
C GLU C 837 -43.18 9.60 -6.27
N GLY C 838 -43.93 9.43 -5.19
CA GLY C 838 -45.34 9.15 -5.27
C GLY C 838 -45.67 7.78 -4.71
N ASN C 839 -44.66 7.11 -4.17
CA ASN C 839 -44.78 5.77 -3.60
C ASN C 839 -45.59 5.74 -2.31
N PRO C 840 -46.13 4.56 -1.95
CA PRO C 840 -46.95 4.35 -0.76
C PRO C 840 -46.16 4.38 0.53
N PHE C 841 -44.85 4.54 0.42
CA PHE C 841 -44.03 4.56 1.61
C PHE C 841 -43.85 5.95 2.19
N GLY C 842 -44.01 6.97 1.35
CA GLY C 842 -43.90 8.34 1.81
C GLY C 842 -42.52 8.89 2.10
N ASP C 843 -41.53 8.45 1.34
CA ASP C 843 -40.17 8.93 1.50
C ASP C 843 -39.41 8.55 0.24
N LYS C 844 -38.24 9.15 0.02
CA LYS C 844 -37.51 8.85 -1.20
C LYS C 844 -36.72 7.57 -1.25
N CYS C 845 -36.69 6.83 -0.14
CA CYS C 845 -35.97 5.58 -0.10
C CYS C 845 -36.46 4.67 1.02
N ILE C 846 -35.98 3.44 1.00
CA ILE C 846 -36.35 2.48 2.03
C ILE C 846 -35.24 1.46 2.22
N ALA C 847 -35.17 0.89 3.42
CA ALA C 847 -34.16 -0.10 3.73
C ALA C 847 -34.78 -1.33 4.36
N TRP C 848 -33.97 -2.38 4.50
CA TRP C 848 -34.45 -3.61 5.11
C TRP C 848 -33.30 -4.51 5.53
N PRO C 849 -33.55 -5.44 6.48
CA PRO C 849 -32.55 -6.39 6.99
C PRO C 849 -31.85 -7.19 5.90
N SER C 850 -30.54 -7.23 6.00
CA SER C 850 -29.68 -7.93 5.04
C SER C 850 -29.56 -9.44 5.32
N GLY C 851 -29.81 -9.83 6.57
CA GLY C 851 -29.71 -11.22 6.94
C GLY C 851 -30.86 -12.11 6.49
N THR C 852 -32.00 -11.50 6.18
CA THR C 852 -33.19 -12.23 5.73
C THR C 852 -33.77 -11.52 4.50
N GLU C 853 -34.82 -12.09 3.90
CA GLU C 853 -35.40 -11.44 2.74
C GLU C 853 -36.62 -10.58 3.04
N ILE C 854 -36.80 -9.55 2.20
CA ILE C 854 -37.90 -8.60 2.28
C ILE C 854 -39.22 -9.23 2.66
N THR C 855 -39.89 -8.64 3.63
CA THR C 855 -41.18 -9.14 4.07
C THR C 855 -42.12 -9.04 2.89
N ASP C 856 -43.05 -9.99 2.80
CA ASP C 856 -44.03 -9.98 1.72
C ASP C 856 -44.96 -8.81 2.03
N LEU C 857 -44.73 -8.19 3.18
CA LEU C 857 -45.49 -7.03 3.64
C LEU C 857 -45.28 -5.85 2.70
N ILE C 858 -44.06 -5.70 2.23
CA ILE C 858 -43.70 -4.59 1.35
C ILE C 858 -43.08 -4.95 0.00
N LYS C 859 -42.53 -6.16 -0.13
CA LYS C 859 -41.88 -6.62 -1.37
C LYS C 859 -42.44 -6.12 -2.70
N ASP C 860 -43.74 -6.30 -2.92
CA ASP C 860 -44.38 -5.89 -4.16
C ASP C 860 -44.35 -4.39 -4.43
N ASP C 861 -44.61 -3.58 -3.41
CA ASP C 861 -44.57 -2.14 -3.60
C ASP C 861 -43.12 -1.68 -3.85
N VAL C 862 -42.18 -2.26 -3.10
CA VAL C 862 -40.77 -1.93 -3.24
C VAL C 862 -40.33 -2.21 -4.65
N LEU C 863 -40.64 -3.40 -5.14
CA LEU C 863 -40.24 -3.73 -6.51
C LEU C 863 -40.90 -2.82 -7.52
N HIS C 864 -42.16 -2.48 -7.30
CA HIS C 864 -42.89 -1.62 -8.23
C HIS C 864 -42.45 -0.15 -8.18
N TRP C 865 -42.00 0.32 -7.02
CA TRP C 865 -41.61 1.72 -6.92
C TRP C 865 -40.10 2.00 -6.95
N MET C 866 -39.30 0.94 -7.09
CA MET C 866 -37.86 1.09 -7.18
C MET C 866 -37.59 2.18 -8.21
N ASP C 867 -36.71 3.12 -7.87
CA ASP C 867 -36.36 4.25 -8.75
C ASP C 867 -35.18 3.92 -9.69
N TYR C 868 -35.42 3.05 -10.66
CA TYR C 868 -34.38 2.66 -11.62
C TYR C 868 -33.77 3.90 -12.26
N THR C 869 -34.61 4.74 -12.85
CA THR C 869 -34.15 5.94 -13.52
C THR C 869 -33.18 6.82 -12.72
N VAL C 870 -33.48 7.11 -11.47
CA VAL C 870 -32.59 7.93 -10.67
C VAL C 870 -31.20 7.30 -10.49
N LEU C 871 -31.15 5.97 -10.33
CA LEU C 871 -29.86 5.27 -10.18
C LEU C 871 -29.11 5.32 -11.49
N LEU C 872 -29.83 4.98 -12.56
CA LEU C 872 -29.26 4.96 -13.90
C LEU C 872 -28.65 6.31 -14.25
N GLU C 873 -29.33 7.40 -13.91
CA GLU C 873 -28.79 8.71 -14.23
C GLU C 873 -27.79 9.20 -13.20
N LYS C 874 -27.85 8.70 -11.99
CA LYS C 874 -26.92 9.17 -10.99
C LYS C 874 -25.57 8.46 -11.06
N THR C 875 -25.58 7.15 -11.30
CA THR C 875 -24.34 6.40 -11.31
C THR C 875 -23.79 6.03 -12.69
N PHE C 876 -24.60 6.19 -13.73
CA PHE C 876 -24.14 5.83 -15.07
C PHE C 876 -24.15 6.93 -16.14
N ILE C 877 -25.09 7.85 -16.10
CA ILE C 877 -25.13 8.88 -17.13
C ILE C 877 -24.46 10.19 -16.76
N LYS C 878 -24.43 10.51 -15.47
CA LYS C 878 -23.79 11.74 -15.06
C LYS C 878 -22.31 11.61 -15.32
N PRO C 879 -21.68 10.51 -14.87
CA PRO C 879 -20.25 10.35 -15.10
C PRO C 879 -19.92 10.10 -16.56
N LEU C 880 -20.79 9.36 -17.26
CA LEU C 880 -20.55 9.06 -18.66
C LEU C 880 -20.48 10.33 -19.50
N GLU C 881 -21.28 11.32 -19.17
CA GLU C 881 -21.27 12.55 -19.94
C GLU C 881 -19.98 13.33 -19.73
N GLY C 882 -19.42 13.23 -18.53
CA GLY C 882 -18.16 13.91 -18.27
C GLY C 882 -17.19 13.48 -19.34
N PHE C 883 -17.13 12.17 -19.60
CA PHE C 883 -16.23 11.66 -20.61
C PHE C 883 -16.57 12.15 -22.02
N THR C 884 -17.85 11.99 -22.37
CA THR C 884 -18.36 12.35 -23.68
C THR C 884 -18.28 13.82 -23.99
N SER C 885 -18.68 14.66 -23.05
CA SER C 885 -18.61 16.09 -23.29
C SER C 885 -17.15 16.49 -23.59
N ALA C 886 -16.26 16.13 -22.66
CA ALA C 886 -14.85 16.46 -22.81
C ALA C 886 -14.25 15.94 -24.10
N ALA C 887 -14.62 14.72 -24.47
CA ALA C 887 -14.10 14.10 -25.69
C ALA C 887 -14.80 14.58 -26.95
N LYS C 888 -15.83 15.41 -26.80
CA LYS C 888 -16.59 15.96 -27.94
C LYS C 888 -17.48 14.91 -28.60
N LEU C 889 -18.16 14.08 -27.81
CA LEU C 889 -19.05 13.05 -28.35
C LEU C 889 -20.47 13.12 -27.80
N ASP C 890 -21.32 12.21 -28.28
CA ASP C 890 -22.71 12.11 -27.87
C ASP C 890 -23.11 10.65 -27.66
N TYR C 891 -23.55 10.28 -26.46
CA TYR C 891 -23.93 8.90 -26.22
C TYR C 891 -25.31 8.55 -26.79
N GLU C 892 -25.96 9.53 -27.42
CA GLU C 892 -27.28 9.34 -28.02
C GLU C 892 -27.51 10.36 -29.12
N LYS C 893 -27.96 9.90 -30.29
CA LYS C 893 -28.22 10.83 -31.38
C LYS C 893 -29.56 11.50 -31.14
N LYS C 894 -29.67 12.77 -31.48
CA LYS C 894 -30.92 13.49 -31.29
C LYS C 894 -31.92 13.18 -32.41
N ALA C 895 -31.41 13.03 -33.63
CA ALA C 895 -32.25 12.74 -34.80
C ALA C 895 -31.90 11.42 -35.49
N SER C 896 -32.88 10.52 -35.62
CA SER C 896 -32.64 9.22 -36.25
C SER C 896 -33.57 8.84 -37.42
N LEU C 897 -33.16 7.78 -38.10
CA LEU C 897 -33.79 7.19 -39.28
C LEU C 897 -35.29 7.38 -39.52
N PHE C 898 -36.07 7.37 -38.44
CA PHE C 898 -37.52 7.52 -38.58
C PHE C 898 -38.01 8.84 -39.17
N ASP C 899 -37.30 9.93 -38.92
CA ASP C 899 -37.70 11.23 -39.44
C ASP C 899 -37.40 11.37 -40.94
N MET C 900 -37.62 10.29 -41.67
CA MET C 900 -37.41 10.26 -43.12
C MET C 900 -38.78 9.90 -43.63
N PHE C 901 -39.49 9.12 -42.81
CA PHE C 901 -40.86 8.73 -43.07
C PHE C 901 -41.58 9.95 -42.59
N ASP C 902 -42.27 10.65 -43.48
CA ASP C 902 -42.93 11.85 -43.07
C ASP C 902 -44.23 11.60 -42.32
N PHE C 903 -44.09 10.84 -41.23
CA PHE C 903 -45.21 10.52 -40.34
C PHE C 903 -45.51 11.81 -39.58
#